data_6TQD
#
_entry.id   6TQD
#
_cell.length_a   56.039
_cell.length_b   65.473
_cell.length_c   79.378
_cell.angle_alpha   77.776
_cell.angle_beta   76.550
_cell.angle_gamma   84.762
#
_symmetry.space_group_name_H-M   'P 1'
#
loop_
_entity.id
_entity.type
_entity.pdbx_description
1 polymer Intimin
2 non-polymer 'BROMIDE ION'
3 non-polymer 'SODIUM ION'
4 non-polymer 'CHLORIDE ION'
5 non-polymer 'TETRAETHYLENE GLYCOL'
6 water water
#
_entity_poly.entity_id   1
_entity_poly.type   'polypeptide(L)'
_entity_poly.pdbx_seq_one_letter_code
;SKQDILSLNIPHDINGTERSTQKIQLIVKSKYGLDRIVWDDSALRSQGGQIQHSGSQSAQDYQAILPAYVQGGSNVYKVT
ARAYDRNGNSSNNVLLTITVLSNGQVVDQVGVTDFTADKTSAKADGTEAITYTATVKKNGVAQANVPVSFNIVSGTAVLS
ANSANTNGSGKATVTLKSDKPGQVVVSAKTAEMTSALNANAVIFVDQ
;
_entity_poly.pdbx_strand_id   A,B,C,D,E,F
#
loop_
_chem_comp.id
_chem_comp.type
_chem_comp.name
_chem_comp.formula
BR non-polymer 'BROMIDE ION' 'Br -1'
CL non-polymer 'CHLORIDE ION' 'Cl -1'
NA non-polymer 'SODIUM ION' 'Na 1'
PG4 non-polymer 'TETRAETHYLENE GLYCOL' 'C8 H18 O5'
#
# COMPACT_ATOMS: atom_id res chain seq x y z
N ASP A 4 -0.97 6.31 26.62
CA ASP A 4 -0.30 7.56 26.95
C ASP A 4 0.43 7.47 28.28
N ILE A 5 -0.13 6.74 29.24
CA ILE A 5 0.56 6.51 30.50
C ILE A 5 1.50 5.30 30.42
N LEU A 6 1.07 4.21 29.79
CA LEU A 6 1.89 2.99 29.79
C LEU A 6 1.47 2.09 28.64
N SER A 7 2.42 1.75 27.78
CA SER A 7 2.15 0.83 26.68
C SER A 7 3.27 -0.19 26.56
N LEU A 8 2.90 -1.39 26.10
CA LEU A 8 3.83 -2.48 25.81
C LEU A 8 3.52 -3.03 24.43
N ASN A 9 4.52 -3.14 23.58
CA ASN A 9 4.39 -3.79 22.29
C ASN A 9 5.50 -4.81 22.12
N ILE A 10 5.16 -5.93 21.49
CA ILE A 10 6.10 -7.00 21.19
C ILE A 10 6.15 -7.16 19.69
N PRO A 11 7.12 -6.53 19.02
CA PRO A 11 7.06 -6.41 17.55
C PRO A 11 7.29 -7.71 16.82
N HIS A 12 7.97 -8.68 17.42
CA HIS A 12 8.38 -9.87 16.71
C HIS A 12 8.04 -11.11 17.52
N ASP A 13 7.41 -12.09 16.86
CA ASP A 13 7.28 -13.41 17.46
C ASP A 13 8.60 -14.15 17.33
N ILE A 14 8.71 -15.25 18.05
CA ILE A 14 9.95 -16.01 18.12
C ILE A 14 9.78 -17.33 17.40
N ASN A 15 10.73 -17.64 16.53
CA ASN A 15 10.86 -18.94 15.87
C ASN A 15 12.28 -19.41 16.09
N GLY A 16 12.45 -20.58 16.70
CA GLY A 16 13.78 -21.04 17.03
C GLY A 16 13.89 -22.54 17.13
N THR A 17 15.14 -22.99 17.18
CA THR A 17 15.42 -24.40 17.29
C THR A 17 15.12 -24.87 18.72
N GLU A 18 14.64 -26.10 18.82
CA GLU A 18 14.35 -26.70 20.13
C GLU A 18 15.57 -26.57 21.03
N ARG A 19 15.31 -26.26 22.30
N ARG A 19 15.30 -26.25 22.30
CA ARG A 19 16.28 -26.12 23.38
CA ARG A 19 16.29 -26.13 23.37
C ARG A 19 17.04 -24.80 23.33
C ARG A 19 17.19 -24.90 23.22
N SER A 20 16.91 -24.00 22.28
CA SER A 20 17.70 -22.79 22.15
C SER A 20 17.22 -21.70 23.10
N THR A 21 18.08 -20.71 23.31
CA THR A 21 17.75 -19.50 24.05
C THR A 21 17.52 -18.37 23.08
N GLN A 22 16.37 -17.71 23.19
CA GLN A 22 15.93 -16.70 22.23
C GLN A 22 15.64 -15.40 22.98
N LYS A 23 16.37 -14.34 22.64
CA LYS A 23 16.12 -13.04 23.23
C LYS A 23 14.77 -12.51 22.77
N ILE A 24 14.06 -11.86 23.68
CA ILE A 24 12.76 -11.26 23.44
C ILE A 24 12.91 -9.75 23.38
N GLN A 25 12.39 -9.13 22.33
CA GLN A 25 12.40 -7.68 22.19
C GLN A 25 11.07 -7.11 22.66
N LEU A 26 11.13 -6.28 23.69
CA LEU A 26 9.98 -5.55 24.21
C LEU A 26 10.15 -4.06 23.94
N ILE A 27 9.06 -3.40 23.58
N ILE A 27 9.06 -3.38 23.60
CA ILE A 27 9.04 -1.96 23.38
CA ILE A 27 9.08 -1.94 23.38
C ILE A 27 8.08 -1.39 24.42
C ILE A 27 8.09 -1.32 24.38
N VAL A 28 8.62 -0.63 25.38
CA VAL A 28 7.85 -0.06 26.47
C VAL A 28 7.87 1.46 26.34
N LYS A 29 6.72 2.08 26.55
CA LYS A 29 6.63 3.52 26.74
C LYS A 29 5.90 3.75 28.06
N SER A 30 6.55 4.47 28.97
CA SER A 30 6.03 4.65 30.32
C SER A 30 6.25 6.08 30.79
N LYS A 31 5.16 6.78 31.06
CA LYS A 31 5.25 8.14 31.60
C LYS A 31 5.91 8.16 32.97
N TYR A 32 5.60 7.19 33.83
CA TYR A 32 6.04 7.20 35.21
C TYR A 32 7.25 6.31 35.48
N GLY A 33 7.71 5.54 34.51
CA GLY A 33 8.86 4.68 34.68
C GLY A 33 8.49 3.22 34.81
N LEU A 34 9.14 2.38 34.01
CA LEU A 34 8.87 0.95 34.06
C LEU A 34 9.37 0.37 35.38
N ASP A 35 8.53 -0.46 36.00
CA ASP A 35 8.92 -1.20 37.19
C ASP A 35 9.30 -2.64 36.87
N ARG A 36 8.49 -3.34 36.08
CA ARG A 36 8.70 -4.76 35.84
C ARG A 36 7.81 -5.25 34.71
N ILE A 37 8.15 -6.45 34.23
CA ILE A 37 7.33 -7.22 33.30
C ILE A 37 6.92 -8.50 34.02
N VAL A 38 5.65 -8.87 33.92
N VAL A 38 5.64 -8.82 33.98
CA VAL A 38 5.11 -10.08 34.52
CA VAL A 38 5.14 -10.09 34.51
C VAL A 38 4.59 -10.99 33.41
C VAL A 38 4.72 -10.97 33.34
N TRP A 39 5.03 -12.25 33.43
CA TRP A 39 4.77 -13.20 32.35
C TRP A 39 3.88 -14.35 32.78
N ASP A 40 3.02 -14.78 31.88
CA ASP A 40 2.35 -16.09 31.94
C ASP A 40 2.99 -16.93 30.84
N ASP A 41 3.92 -17.80 31.22
CA ASP A 41 4.59 -18.70 30.29
C ASP A 41 4.16 -20.15 30.49
N SER A 42 2.96 -20.36 31.04
N SER A 42 2.96 -20.36 31.06
CA SER A 42 2.54 -21.72 31.38
CA SER A 42 2.51 -21.70 31.37
C SER A 42 2.51 -22.64 30.16
C SER A 42 2.57 -22.62 30.15
N ALA A 43 2.24 -22.10 28.97
CA ALA A 43 2.27 -22.93 27.77
C ALA A 43 3.65 -23.52 27.54
N LEU A 44 4.71 -22.71 27.68
CA LEU A 44 6.05 -23.23 27.53
C LEU A 44 6.38 -24.23 28.63
N ARG A 45 5.95 -23.96 29.85
CA ARG A 45 6.31 -24.84 30.97
C ARG A 45 5.67 -26.22 30.82
N SER A 46 4.54 -26.30 30.13
N SER A 46 4.53 -26.31 30.13
CA SER A 46 3.91 -27.61 29.90
CA SER A 46 3.92 -27.61 29.90
C SER A 46 4.90 -28.56 29.23
C SER A 46 4.83 -28.56 29.14
N GLN A 47 5.85 -28.02 28.46
CA GLN A 47 6.83 -28.84 27.75
C GLN A 47 8.26 -28.58 28.22
N GLY A 48 8.45 -27.94 29.37
CA GLY A 48 9.76 -27.79 29.95
C GLY A 48 10.54 -26.57 29.50
N GLY A 49 9.92 -25.66 28.75
CA GLY A 49 10.54 -24.39 28.43
C GLY A 49 10.11 -23.35 29.44
N GLN A 50 10.61 -22.12 29.24
CA GLN A 50 10.29 -21.07 30.17
C GLN A 50 10.73 -19.73 29.61
N ILE A 51 10.17 -18.67 30.17
N ILE A 51 10.12 -18.67 30.14
CA ILE A 51 10.67 -17.31 29.99
CA ILE A 51 10.63 -17.30 30.01
C ILE A 51 11.34 -16.88 31.27
C ILE A 51 11.39 -16.98 31.29
N GLN A 52 12.54 -16.32 31.14
CA GLN A 52 13.34 -15.95 32.29
C GLN A 52 14.05 -14.64 31.99
N HIS A 53 14.34 -13.88 33.05
CA HIS A 53 15.18 -12.71 32.92
C HIS A 53 16.55 -13.12 32.39
N SER A 54 17.09 -12.31 31.49
CA SER A 54 18.38 -12.63 30.87
C SER A 54 19.55 -12.48 31.84
N GLY A 55 19.32 -11.91 33.02
CA GLY A 55 20.37 -11.73 34.00
C GLY A 55 21.07 -10.39 33.95
N SER A 56 20.66 -9.51 33.04
CA SER A 56 21.22 -8.17 32.98
C SER A 56 20.56 -7.33 34.07
N GLN A 57 20.86 -6.04 34.09
CA GLN A 57 20.26 -5.14 35.09
C GLN A 57 18.99 -4.47 34.59
N SER A 58 18.54 -4.79 33.38
CA SER A 58 17.39 -4.14 32.77
C SER A 58 16.09 -4.88 33.11
N ALA A 59 15.10 -4.13 33.58
CA ALA A 59 13.81 -4.72 33.94
C ALA A 59 13.03 -5.24 32.74
N GLN A 60 13.49 -5.00 31.50
CA GLN A 60 12.76 -5.49 30.34
C GLN A 60 13.54 -6.51 29.51
N ASP A 61 14.61 -7.08 30.07
N ASP A 61 14.62 -7.06 30.05
CA ASP A 61 15.51 -7.97 29.32
CA ASP A 61 15.49 -7.96 29.30
C ASP A 61 15.15 -9.41 29.66
C ASP A 61 15.14 -9.41 29.66
N TYR A 62 14.40 -10.05 28.77
CA TYR A 62 13.93 -11.41 28.97
C TYR A 62 14.31 -12.28 27.77
N GLN A 63 14.32 -13.58 28.01
CA GLN A 63 14.63 -14.55 26.98
C GLN A 63 13.75 -15.78 27.19
N ALA A 64 13.53 -16.51 26.11
CA ALA A 64 12.77 -17.74 26.16
C ALA A 64 13.74 -18.90 25.99
N ILE A 65 13.60 -19.90 26.86
CA ILE A 65 14.27 -21.19 26.71
C ILE A 65 13.24 -22.11 26.05
N LEU A 66 13.53 -22.53 24.83
CA LEU A 66 12.55 -23.30 24.06
C LEU A 66 12.56 -24.76 24.48
N PRO A 67 11.39 -25.40 24.55
CA PRO A 67 11.36 -26.82 24.89
C PRO A 67 11.89 -27.70 23.77
N ALA A 68 12.00 -28.99 24.05
CA ALA A 68 12.29 -29.96 23.02
C ALA A 68 11.14 -30.04 22.01
N TYR A 69 11.48 -30.38 20.79
CA TYR A 69 10.49 -30.52 19.74
C TYR A 69 9.62 -31.74 20.01
N VAL A 70 8.33 -31.60 19.77
CA VAL A 70 7.36 -32.68 19.96
C VAL A 70 6.99 -33.22 18.59
N GLN A 71 7.38 -34.46 18.30
CA GLN A 71 7.04 -35.06 17.03
C GLN A 71 5.52 -35.27 16.96
N GLY A 72 4.91 -34.76 15.90
CA GLY A 72 3.48 -34.78 15.75
C GLY A 72 2.73 -33.79 16.59
N GLY A 73 3.43 -32.94 17.37
CA GLY A 73 2.77 -32.02 18.27
C GLY A 73 2.58 -30.64 17.65
N SER A 74 2.03 -29.74 18.45
CA SER A 74 1.76 -28.39 18.00
C SER A 74 3.05 -27.61 17.79
N ASN A 75 3.91 -27.61 18.80
CA ASN A 75 5.17 -26.88 18.82
C ASN A 75 4.97 -25.36 18.70
N VAL A 76 3.77 -24.88 18.99
CA VAL A 76 3.47 -23.45 19.05
C VAL A 76 3.02 -23.15 20.48
N TYR A 77 3.60 -22.12 21.07
CA TYR A 77 3.36 -21.79 22.48
C TYR A 77 3.00 -20.31 22.57
N LYS A 78 1.84 -20.02 23.15
CA LYS A 78 1.35 -18.65 23.28
C LYS A 78 1.58 -18.24 24.73
N VAL A 79 2.33 -17.16 24.93
CA VAL A 79 2.62 -16.63 26.26
C VAL A 79 2.25 -15.16 26.26
N THR A 80 2.09 -14.58 27.46
CA THR A 80 1.66 -13.21 27.58
C THR A 80 2.56 -12.44 28.56
N ALA A 81 2.74 -11.17 28.27
CA ALA A 81 3.52 -10.28 29.11
C ALA A 81 2.71 -9.03 29.41
N ARG A 82 2.83 -8.56 30.65
CA ARG A 82 2.19 -7.33 31.09
C ARG A 82 3.25 -6.48 31.77
N ALA A 83 3.36 -5.23 31.35
CA ALA A 83 4.28 -4.30 31.98
C ALA A 83 3.57 -3.54 33.10
N TYR A 84 4.32 -3.23 34.18
CA TYR A 84 3.83 -2.39 35.25
C TYR A 84 4.79 -1.20 35.42
N ASP A 85 4.22 -0.04 35.72
CA ASP A 85 5.02 1.14 36.02
C ASP A 85 5.20 1.30 37.53
N ARG A 86 5.97 2.31 37.91
CA ARG A 86 6.29 2.54 39.32
C ARG A 86 5.11 2.96 40.16
N ASN A 87 4.00 3.37 39.54
CA ASN A 87 2.76 3.73 40.24
C ASN A 87 1.79 2.56 40.34
N GLY A 88 2.13 1.41 39.77
CA GLY A 88 1.25 0.26 39.82
C GLY A 88 0.30 0.11 38.66
N ASN A 89 0.32 1.03 37.70
CA ASN A 89 -0.47 0.85 36.49
C ASN A 89 0.16 -0.26 35.66
N SER A 90 -0.67 -0.91 34.85
CA SER A 90 -0.17 -1.92 33.95
C SER A 90 -0.53 -1.59 32.51
N SER A 91 0.14 -2.28 31.59
CA SER A 91 -0.14 -2.23 30.17
C SER A 91 -1.20 -3.27 29.80
N ASN A 92 -1.49 -3.37 28.50
CA ASN A 92 -2.21 -4.54 28.03
C ASN A 92 -1.39 -5.80 28.33
N ASN A 93 -2.07 -6.95 28.38
CA ASN A 93 -1.41 -8.25 28.46
C ASN A 93 -1.18 -8.68 27.02
N VAL A 94 0.09 -8.69 26.61
CA VAL A 94 0.44 -8.76 25.20
C VAL A 94 0.93 -10.15 24.84
N LEU A 95 0.43 -10.65 23.71
CA LEU A 95 0.72 -12.00 23.26
C LEU A 95 2.06 -12.06 22.56
N LEU A 96 2.84 -13.08 22.91
CA LEU A 96 4.03 -13.49 22.20
C LEU A 96 3.85 -14.94 21.81
N THR A 97 4.08 -15.25 20.54
CA THR A 97 3.96 -16.61 20.02
C THR A 97 5.36 -17.15 19.77
N ILE A 98 5.63 -18.33 20.32
CA ILE A 98 6.92 -18.99 20.21
C ILE A 98 6.71 -20.30 19.47
N THR A 99 7.40 -20.47 18.35
CA THR A 99 7.31 -21.67 17.54
C THR A 99 8.65 -22.39 17.58
N VAL A 100 8.61 -23.69 17.83
CA VAL A 100 9.80 -24.51 18.03
C VAL A 100 9.98 -25.37 16.79
N LEU A 101 11.16 -25.28 16.19
CA LEU A 101 11.57 -26.13 15.09
C LEU A 101 12.52 -27.20 15.59
N SER A 102 12.55 -28.32 14.87
CA SER A 102 13.44 -29.42 15.27
C SER A 102 14.87 -29.13 14.84
N ASN A 103 15.81 -29.88 15.44
CA ASN A 103 17.23 -29.68 15.15
C ASN A 103 17.52 -29.68 13.65
N GLY A 104 16.80 -30.49 12.89
CA GLY A 104 17.08 -30.59 11.47
C GLY A 104 16.42 -29.56 10.58
N GLN A 105 15.72 -28.57 11.15
CA GLN A 105 14.98 -27.59 10.37
C GLN A 105 15.61 -26.22 10.50
N VAL A 106 15.25 -25.33 9.58
CA VAL A 106 15.88 -24.02 9.45
C VAL A 106 14.84 -22.93 9.61
N VAL A 107 15.10 -21.99 10.54
CA VAL A 107 14.19 -20.88 10.74
C VAL A 107 14.06 -20.04 9.48
N ASP A 108 12.82 -19.65 9.18
CA ASP A 108 12.44 -18.78 8.07
C ASP A 108 12.57 -19.45 6.70
N GLN A 109 12.92 -20.73 6.65
CA GLN A 109 13.10 -21.43 5.39
C GLN A 109 11.79 -22.08 4.97
N VAL A 110 11.50 -22.05 3.67
CA VAL A 110 10.42 -22.86 3.10
C VAL A 110 11.02 -24.24 2.84
N GLY A 111 10.71 -25.21 3.71
CA GLY A 111 11.40 -26.48 3.68
C GLY A 111 10.46 -27.64 3.98
N VAL A 112 10.90 -28.83 3.55
CA VAL A 112 10.18 -30.07 3.87
C VAL A 112 10.40 -30.38 5.34
N THR A 113 9.31 -30.50 6.08
CA THR A 113 9.43 -30.83 7.50
C THR A 113 9.15 -32.30 7.80
N ASP A 114 8.43 -32.99 6.93
CA ASP A 114 8.07 -34.37 7.15
C ASP A 114 8.01 -35.04 5.79
N PHE A 115 8.43 -36.31 5.73
CA PHE A 115 8.36 -37.07 4.49
C PHE A 115 8.14 -38.52 4.90
N THR A 116 6.91 -39.00 4.74
CA THR A 116 6.50 -40.28 5.28
C THR A 116 5.81 -41.11 4.21
N ALA A 117 5.84 -42.42 4.40
CA ALA A 117 5.21 -43.37 3.50
C ALA A 117 3.99 -43.99 4.17
N ASP A 118 3.01 -44.40 3.36
CA ASP A 118 1.82 -45.02 3.88
C ASP A 118 2.02 -46.47 4.28
N LYS A 119 3.14 -47.08 3.89
CA LYS A 119 3.42 -48.47 4.22
C LYS A 119 4.90 -48.62 4.53
N THR A 120 5.23 -49.60 5.36
CA THR A 120 6.63 -49.90 5.66
C THR A 120 7.19 -50.98 4.76
N SER A 121 6.32 -51.71 4.07
CA SER A 121 6.75 -52.79 3.20
C SER A 121 5.72 -52.96 2.09
N ALA A 122 6.16 -53.55 0.99
CA ALA A 122 5.30 -53.81 -0.14
C ALA A 122 5.87 -54.98 -0.93
N LYS A 123 5.02 -55.60 -1.75
CA LYS A 123 5.48 -56.72 -2.54
C LYS A 123 6.39 -56.24 -3.66
N ALA A 124 7.45 -57.01 -3.92
CA ALA A 124 8.44 -56.68 -4.95
C ALA A 124 7.99 -57.17 -6.32
N ASP A 125 6.77 -56.82 -6.72
CA ASP A 125 6.21 -57.25 -7.99
C ASP A 125 6.15 -56.12 -9.02
N GLY A 126 6.78 -54.99 -8.75
CA GLY A 126 6.70 -53.86 -9.65
C GLY A 126 5.33 -53.27 -9.78
N THR A 127 4.40 -53.61 -8.88
CA THR A 127 3.01 -53.22 -9.02
C THR A 127 2.49 -52.55 -7.75
N GLU A 128 2.75 -53.14 -6.58
CA GLU A 128 2.26 -52.54 -5.36
C GLU A 128 2.97 -51.21 -5.11
N ALA A 129 2.19 -50.18 -4.81
CA ALA A 129 2.71 -48.83 -4.65
C ALA A 129 2.82 -48.49 -3.17
N ILE A 130 3.95 -47.86 -2.82
CA ILE A 130 4.11 -47.15 -1.55
C ILE A 130 3.98 -45.67 -1.85
N THR A 131 3.06 -44.99 -1.17
CA THR A 131 2.78 -43.59 -1.45
C THR A 131 3.42 -42.72 -0.37
N TYR A 132 4.19 -41.74 -0.80
CA TYR A 132 4.91 -40.84 0.10
C TYR A 132 4.23 -39.48 0.09
N THR A 133 4.25 -38.82 1.26
CA THR A 133 3.68 -37.49 1.41
C THR A 133 4.76 -36.62 2.04
N ALA A 134 5.08 -35.52 1.37
CA ALA A 134 5.96 -34.50 1.90
C ALA A 134 5.13 -33.31 2.35
N THR A 135 5.44 -32.80 3.53
CA THR A 135 4.84 -31.58 4.05
C THR A 135 5.86 -30.48 4.05
N VAL A 136 5.50 -29.33 3.50
CA VAL A 136 6.37 -28.17 3.41
C VAL A 136 5.84 -27.08 4.32
N LYS A 137 6.68 -26.56 5.21
CA LYS A 137 6.29 -25.51 6.12
C LYS A 137 7.39 -24.45 6.17
N LYS A 138 7.01 -23.26 6.62
CA LYS A 138 7.95 -22.22 7.03
C LYS A 138 7.55 -21.83 8.44
N ASN A 139 8.44 -22.06 9.39
CA ASN A 139 8.18 -21.77 10.81
C ASN A 139 6.86 -22.39 11.25
N GLY A 140 6.66 -23.64 10.86
CA GLY A 140 5.51 -24.41 11.28
C GLY A 140 4.24 -24.16 10.51
N VAL A 141 4.24 -23.29 9.51
CA VAL A 141 3.03 -22.95 8.75
C VAL A 141 3.13 -23.59 7.37
N ALA A 142 2.15 -24.42 7.02
CA ALA A 142 2.15 -25.09 5.73
C ALA A 142 2.18 -24.10 4.58
N GLN A 143 2.94 -24.43 3.53
CA GLN A 143 3.15 -23.57 2.38
C GLN A 143 2.54 -24.18 1.13
N ALA A 144 1.69 -23.41 0.45
CA ALA A 144 0.94 -23.88 -0.71
C ALA A 144 1.66 -23.60 -2.02
N ASN A 145 1.56 -24.57 -2.94
N ASN A 145 1.50 -24.53 -2.96
CA ASN A 145 2.03 -24.41 -4.34
CA ASN A 145 2.05 -24.39 -4.32
C ASN A 145 3.56 -24.38 -4.45
C ASN A 145 3.56 -24.21 -4.29
N VAL A 146 4.25 -25.08 -3.58
CA VAL A 146 5.71 -25.12 -3.56
C VAL A 146 6.17 -26.38 -4.28
N PRO A 147 7.09 -26.29 -5.25
CA PRO A 147 7.59 -27.51 -5.91
C PRO A 147 8.48 -28.33 -4.98
N VAL A 148 8.22 -29.63 -4.93
CA VAL A 148 9.01 -30.57 -4.13
C VAL A 148 9.65 -31.55 -5.08
N SER A 149 10.96 -31.74 -4.96
N SER A 149 10.96 -31.76 -4.93
CA SER A 149 11.71 -32.68 -5.76
CA SER A 149 11.72 -32.67 -5.77
C SER A 149 11.86 -33.99 -5.01
C SER A 149 11.92 -33.99 -5.04
N PHE A 150 11.67 -35.10 -5.73
CA PHE A 150 11.77 -36.44 -5.16
C PHE A 150 12.90 -37.22 -5.84
N ASN A 151 13.64 -37.98 -5.04
N ASN A 151 13.63 -37.98 -5.03
CA ASN A 151 14.78 -38.73 -5.55
CA ASN A 151 14.78 -38.73 -5.50
C ASN A 151 15.00 -40.00 -4.74
C ASN A 151 14.88 -40.04 -4.74
N ILE A 152 15.40 -41.07 -5.41
CA ILE A 152 15.75 -42.32 -4.74
C ILE A 152 17.21 -42.22 -4.31
N VAL A 153 17.46 -42.23 -3.00
CA VAL A 153 18.79 -42.09 -2.45
C VAL A 153 19.56 -43.40 -2.54
N SER A 154 18.88 -44.52 -2.25
CA SER A 154 19.53 -45.82 -2.28
C SER A 154 18.48 -46.87 -2.54
N GLY A 155 18.90 -47.96 -3.16
CA GLY A 155 18.02 -49.05 -3.53
C GLY A 155 17.54 -48.95 -4.97
N THR A 156 16.82 -50.00 -5.39
CA THR A 156 16.36 -50.15 -6.76
C THR A 156 14.84 -50.07 -6.77
N ALA A 157 14.31 -49.04 -7.41
CA ALA A 157 12.87 -48.80 -7.45
C ALA A 157 12.59 -47.75 -8.51
N VAL A 158 11.32 -47.37 -8.65
CA VAL A 158 10.88 -46.41 -9.65
C VAL A 158 9.88 -45.46 -9.00
N LEU A 159 10.13 -44.15 -9.13
CA LEU A 159 9.23 -43.11 -8.66
C LEU A 159 8.23 -42.74 -9.75
N SER A 160 7.01 -42.45 -9.35
CA SER A 160 5.98 -42.07 -10.32
C SER A 160 6.23 -40.70 -10.94
N ALA A 161 6.99 -39.85 -10.26
CA ALA A 161 7.30 -38.51 -10.75
C ALA A 161 8.53 -38.03 -9.99
N ASN A 162 9.22 -37.05 -10.55
N ASN A 162 9.25 -37.10 -10.60
CA ASN A 162 10.39 -36.47 -9.89
CA ASN A 162 10.43 -36.51 -9.99
C ASN A 162 10.11 -35.10 -9.27
C ASN A 162 10.09 -35.29 -9.14
N SER A 163 8.89 -34.60 -9.38
N SER A 163 8.90 -34.75 -9.29
CA SER A 163 8.54 -33.33 -8.73
CA SER A 163 8.50 -33.58 -8.51
C SER A 163 7.03 -33.15 -8.75
C SER A 163 6.99 -33.45 -8.53
N ALA A 164 6.50 -32.56 -7.66
CA ALA A 164 5.09 -32.23 -7.57
C ALA A 164 4.98 -31.00 -6.69
N ASN A 165 3.96 -30.18 -6.94
CA ASN A 165 3.76 -28.97 -6.16
C ASN A 165 2.84 -29.26 -4.99
N THR A 166 3.11 -28.63 -3.84
CA THR A 166 2.25 -28.82 -2.69
C THR A 166 0.85 -28.25 -2.93
N ASN A 167 -0.14 -28.87 -2.30
CA ASN A 167 -1.52 -28.37 -2.35
C ASN A 167 -1.69 -27.27 -1.30
N GLY A 168 -2.94 -26.85 -1.06
CA GLY A 168 -3.22 -25.79 -0.11
C GLY A 168 -2.88 -26.13 1.32
N SER A 169 -2.72 -27.41 1.64
CA SER A 169 -2.34 -27.86 2.97
C SER A 169 -0.86 -28.16 3.08
N GLY A 170 -0.07 -27.76 2.08
CA GLY A 170 1.36 -27.93 2.13
C GLY A 170 1.86 -29.32 1.80
N LYS A 171 1.03 -30.16 1.20
CA LYS A 171 1.38 -31.57 0.98
C LYS A 171 1.55 -31.88 -0.50
N ALA A 172 2.59 -32.65 -0.81
CA ALA A 172 2.85 -33.16 -2.16
C ALA A 172 3.14 -34.65 -2.06
N THR A 173 2.69 -35.42 -3.05
CA THR A 173 2.77 -36.88 -2.97
C THR A 173 3.48 -37.46 -4.20
N VAL A 174 3.96 -38.69 -4.02
CA VAL A 174 4.60 -39.45 -5.10
C VAL A 174 4.47 -40.92 -4.72
N THR A 175 4.52 -41.81 -5.72
CA THR A 175 4.46 -43.24 -5.44
C THR A 175 5.76 -43.93 -5.85
N LEU A 176 6.02 -45.07 -5.21
CA LEU A 176 7.23 -45.85 -5.38
C LEU A 176 6.85 -47.31 -5.59
N LYS A 177 7.46 -47.95 -6.57
CA LYS A 177 7.24 -49.37 -6.86
C LYS A 177 8.59 -50.02 -7.15
N SER A 178 8.67 -51.33 -6.99
CA SER A 178 9.93 -52.02 -7.26
C SER A 178 9.68 -53.47 -7.63
N ASP A 179 10.51 -53.99 -8.54
CA ASP A 179 10.55 -55.39 -8.93
C ASP A 179 11.62 -56.19 -8.21
N LYS A 180 12.35 -55.58 -7.28
CA LYS A 180 13.48 -56.21 -6.63
C LYS A 180 13.29 -56.16 -5.12
N PRO A 181 13.52 -57.25 -4.39
CA PRO A 181 13.47 -57.18 -2.93
C PRO A 181 14.65 -56.37 -2.40
N GLY A 182 14.40 -55.64 -1.34
CA GLY A 182 15.44 -54.84 -0.71
C GLY A 182 14.88 -53.57 -0.12
N GLN A 183 15.77 -52.82 0.52
CA GLN A 183 15.41 -51.56 1.16
C GLN A 183 15.58 -50.40 0.19
N VAL A 184 14.71 -49.40 0.32
CA VAL A 184 14.75 -48.21 -0.52
C VAL A 184 14.58 -46.98 0.36
N VAL A 185 15.41 -45.96 0.13
CA VAL A 185 15.27 -44.67 0.78
C VAL A 185 14.96 -43.63 -0.28
N VAL A 186 13.88 -42.88 -0.06
CA VAL A 186 13.46 -41.80 -0.95
C VAL A 186 13.62 -40.50 -0.18
N SER A 187 13.94 -39.41 -0.91
CA SER A 187 14.12 -38.10 -0.31
C SER A 187 13.23 -37.07 -0.99
N ALA A 188 12.98 -35.98 -0.26
CA ALA A 188 12.18 -34.85 -0.73
C ALA A 188 12.93 -33.55 -0.43
N LYS A 189 12.84 -32.60 -1.36
CA LYS A 189 13.57 -31.35 -1.19
C LYS A 189 12.84 -30.21 -1.87
N THR A 190 12.94 -29.02 -1.26
CA THR A 190 12.50 -27.77 -1.87
C THR A 190 13.72 -26.91 -2.18
N ALA A 191 13.48 -25.88 -2.99
CA ALA A 191 14.58 -25.09 -3.57
C ALA A 191 15.47 -24.46 -2.50
N GLU A 192 14.89 -23.95 -1.41
CA GLU A 192 15.68 -23.24 -0.41
C GLU A 192 16.51 -24.17 0.48
N MET A 193 16.17 -25.45 0.58
CA MET A 193 16.87 -26.36 1.47
C MET A 193 18.29 -26.60 0.99
N THR A 194 19.19 -26.84 1.94
CA THR A 194 20.59 -27.11 1.62
C THR A 194 20.81 -28.55 1.19
N SER A 195 19.97 -29.46 1.65
CA SER A 195 20.02 -30.88 1.29
C SER A 195 18.63 -31.45 1.47
N ALA A 196 18.40 -32.61 0.86
CA ALA A 196 17.08 -33.23 0.89
C ALA A 196 16.84 -33.90 2.24
N LEU A 197 15.55 -34.09 2.57
CA LEU A 197 15.12 -34.84 3.74
C LEU A 197 14.80 -36.28 3.33
N ASN A 198 15.50 -37.25 3.94
CA ASN A 198 15.26 -38.66 3.64
C ASN A 198 14.09 -39.19 4.45
N ALA A 199 13.20 -39.93 3.78
CA ALA A 199 12.21 -40.71 4.49
C ALA A 199 12.87 -41.94 5.13
N ASN A 200 12.15 -42.55 6.07
CA ASN A 200 12.62 -43.81 6.63
C ASN A 200 12.64 -44.87 5.53
N ALA A 201 13.57 -45.82 5.66
CA ALA A 201 13.67 -46.88 4.67
C ALA A 201 12.39 -47.69 4.68
N VAL A 202 12.00 -48.15 3.48
CA VAL A 202 10.95 -49.13 3.31
C VAL A 202 11.60 -50.36 2.69
N ILE A 203 10.90 -51.48 2.75
CA ILE A 203 11.43 -52.75 2.27
C ILE A 203 10.43 -53.37 1.31
N PHE A 204 10.90 -53.80 0.14
CA PHE A 204 10.09 -54.57 -0.79
C PHE A 204 10.41 -56.05 -0.58
N VAL A 205 9.36 -56.87 -0.49
CA VAL A 205 9.47 -58.26 -0.04
C VAL A 205 8.98 -59.21 -1.12
N ASP A 206 9.69 -60.32 -1.30
CA ASP A 206 9.23 -61.36 -2.19
C ASP A 206 8.25 -62.27 -1.46
N GLN A 207 7.26 -62.76 -2.21
CA GLN A 207 6.24 -63.63 -1.63
C GLN A 207 5.33 -64.19 -2.71
N LYS B 2 -20.57 26.09 14.09
CA LYS B 2 -21.22 26.00 12.79
C LYS B 2 -20.58 24.95 11.87
N GLN B 3 -19.45 24.40 12.29
CA GLN B 3 -18.72 23.42 11.49
C GLN B 3 -18.62 22.09 12.23
N ASP B 4 -18.18 21.07 11.49
CA ASP B 4 -18.21 19.72 12.01
C ASP B 4 -17.33 19.59 13.26
N ILE B 5 -17.86 18.88 14.25
CA ILE B 5 -17.18 18.74 15.54
C ILE B 5 -16.20 17.57 15.54
N LEU B 6 -16.56 16.43 14.95
CA LEU B 6 -15.72 15.24 15.03
C LEU B 6 -16.05 14.34 13.85
N SER B 7 -15.04 13.98 13.07
CA SER B 7 -15.23 13.08 11.94
C SER B 7 -14.11 12.05 11.91
N LEU B 8 -14.47 10.86 11.43
CA LEU B 8 -13.54 9.76 11.21
C LEU B 8 -13.79 9.21 9.82
N ASN B 9 -12.72 9.08 9.04
N ASN B 9 -12.72 9.11 9.04
CA ASN B 9 -12.80 8.44 7.74
CA ASN B 9 -12.73 8.47 7.73
C ASN B 9 -11.68 7.43 7.58
C ASN B 9 -11.70 7.37 7.71
N ILE B 10 -12.03 6.30 6.99
CA ILE B 10 -11.09 5.21 6.70
C ILE B 10 -11.03 5.07 5.19
N PRO B 11 -10.04 5.70 4.54
CA PRO B 11 -10.10 5.82 3.08
C PRO B 11 -9.90 4.53 2.33
N HIS B 12 -9.21 3.55 2.90
CA HIS B 12 -8.82 2.36 2.16
C HIS B 12 -9.13 1.10 2.95
N ASP B 13 -9.72 0.12 2.28
CA ASP B 13 -9.83 -1.21 2.85
C ASP B 13 -8.49 -1.93 2.70
N ILE B 14 -8.34 -3.06 3.40
CA ILE B 14 -7.09 -3.78 3.46
C ILE B 14 -7.22 -5.13 2.77
N ASN B 15 -6.27 -5.44 1.88
CA ASN B 15 -6.12 -6.76 1.29
C ASN B 15 -4.69 -7.19 1.56
N GLY B 16 -4.53 -8.29 2.30
CA GLY B 16 -3.19 -8.70 2.67
C GLY B 16 -3.05 -10.19 2.85
N THR B 17 -1.79 -10.62 2.91
CA THR B 17 -1.49 -12.03 3.06
C THR B 17 -1.79 -12.47 4.49
N GLU B 18 -2.24 -13.71 4.62
CA GLU B 18 -2.53 -14.28 5.92
C GLU B 18 -1.37 -14.11 6.88
N ARG B 19 -1.71 -13.87 8.15
CA ARG B 19 -0.78 -13.78 9.26
C ARG B 19 0.05 -12.51 9.23
N SER B 20 -0.14 -11.61 8.27
CA SER B 20 0.65 -10.41 8.21
C SER B 20 0.07 -9.32 9.13
N THR B 21 0.91 -8.32 9.41
CA THR B 21 0.50 -7.12 10.13
C THR B 21 0.34 -5.99 9.12
N GLN B 22 -0.82 -5.34 9.16
CA GLN B 22 -1.18 -4.30 8.20
C GLN B 22 -1.53 -3.03 8.94
N LYS B 23 -0.81 -1.95 8.66
CA LYS B 23 -1.13 -0.67 9.26
C LYS B 23 -2.43 -0.14 8.69
N ILE B 24 -3.21 0.53 9.54
CA ILE B 24 -4.52 1.05 9.19
C ILE B 24 -4.40 2.56 9.08
N GLN B 25 -4.89 3.13 7.97
CA GLN B 25 -4.89 4.58 7.78
C GLN B 25 -6.24 5.14 8.20
N LEU B 26 -6.22 5.99 9.23
CA LEU B 26 -7.41 6.70 9.68
C LEU B 26 -7.18 8.19 9.46
N ILE B 27 -8.25 8.91 9.16
CA ILE B 27 -8.22 10.37 9.06
C ILE B 27 -9.23 10.92 10.06
N VAL B 28 -8.74 11.73 11.01
CA VAL B 28 -9.58 12.27 12.07
C VAL B 28 -9.49 13.78 12.02
N LYS B 29 -10.64 14.43 12.10
CA LYS B 29 -10.73 15.86 12.33
C LYS B 29 -11.59 16.08 13.57
N SER B 30 -11.10 16.90 14.48
CA SER B 30 -11.69 17.03 15.80
C SER B 30 -11.52 18.46 16.32
N LYS B 31 -12.65 19.13 16.56
CA LYS B 31 -12.62 20.46 17.14
C LYS B 31 -12.01 20.45 18.53
N TYR B 32 -12.36 19.47 19.34
CA TYR B 32 -12.01 19.45 20.75
C TYR B 32 -10.80 18.58 21.07
N GLY B 33 -10.27 17.84 20.11
CA GLY B 33 -9.11 17.01 20.33
C GLY B 33 -9.48 15.53 20.41
N LEU B 34 -8.77 14.70 19.66
CA LEU B 34 -9.03 13.26 19.70
C LEU B 34 -8.61 12.68 21.04
N ASP B 35 -9.48 11.86 21.63
CA ASP B 35 -9.17 11.12 22.83
C ASP B 35 -8.76 9.68 22.52
N ARG B 36 -9.52 8.97 21.69
CA ARG B 36 -9.26 7.55 21.49
C ARG B 36 -10.09 7.06 20.32
N ILE B 37 -9.72 5.87 19.83
CA ILE B 37 -10.49 5.09 18.88
C ILE B 37 -10.92 3.80 19.56
N VAL B 38 -12.20 3.45 19.43
CA VAL B 38 -12.75 2.22 19.98
C VAL B 38 -13.12 1.30 18.82
N TRP B 39 -12.64 0.07 18.87
CA TRP B 39 -12.82 -0.91 17.80
C TRP B 39 -13.74 -2.06 18.21
N ASP B 40 -14.48 -2.53 17.25
CA ASP B 40 -15.10 -3.88 17.29
C ASP B 40 -14.35 -4.71 16.25
N ASP B 41 -13.38 -5.52 16.69
CA ASP B 41 -12.61 -6.38 15.80
C ASP B 41 -13.01 -7.84 15.95
N SER B 42 -14.22 -8.10 16.47
CA SER B 42 -14.60 -9.47 16.80
C SER B 42 -14.56 -10.38 15.59
N ALA B 43 -14.83 -9.85 14.40
CA ALA B 43 -14.75 -10.68 13.19
C ALA B 43 -13.36 -11.25 13.00
N LEU B 44 -12.33 -10.43 13.19
CA LEU B 44 -10.97 -10.94 13.10
C LEU B 44 -10.70 -11.97 14.18
N ARG B 45 -11.22 -11.75 15.39
CA ARG B 45 -10.94 -12.66 16.49
C ARG B 45 -11.58 -14.04 16.26
N SER B 46 -12.62 -14.11 15.45
CA SER B 46 -13.24 -15.40 15.14
C SER B 46 -12.23 -16.36 14.53
N GLN B 47 -11.17 -15.84 13.93
CA GLN B 47 -10.15 -16.64 13.29
C GLN B 47 -8.75 -16.33 13.83
N GLY B 48 -8.67 -15.73 15.02
CA GLY B 48 -7.39 -15.54 15.68
C GLY B 48 -6.64 -14.29 15.31
N GLY B 49 -7.26 -13.37 14.57
CA GLY B 49 -6.68 -12.06 14.32
C GLY B 49 -7.15 -11.02 15.32
N GLN B 50 -6.69 -9.79 15.11
CA GLN B 50 -7.08 -8.71 16.02
C GLN B 50 -6.61 -7.38 15.45
N ILE B 51 -7.18 -6.30 15.99
CA ILE B 51 -6.65 -4.95 15.79
C ILE B 51 -6.02 -4.51 17.09
N GLN B 52 -4.87 -3.85 17.00
CA GLN B 52 -4.13 -3.45 18.18
C GLN B 52 -3.48 -2.10 17.92
N HIS B 53 -3.30 -1.33 18.98
CA HIS B 53 -2.59 -0.07 18.86
C HIS B 53 -1.12 -0.31 18.58
N SER B 54 -0.55 0.49 17.69
CA SER B 54 0.82 0.28 17.25
C SER B 54 1.88 0.73 18.25
N GLY B 55 1.50 1.44 19.30
CA GLY B 55 2.46 1.88 20.30
C GLY B 55 3.06 3.25 20.11
N SER B 56 2.66 4.00 19.07
CA SER B 56 3.17 5.34 18.85
C SER B 56 2.46 6.34 19.75
N GLN B 57 2.91 7.60 19.70
CA GLN B 57 2.28 8.65 20.50
C GLN B 57 0.90 9.04 19.99
N SER B 58 0.48 8.54 18.83
CA SER B 58 -0.77 8.96 18.23
C SER B 58 -1.89 8.04 18.66
N ALA B 59 -2.98 8.63 19.17
CA ALA B 59 -4.15 7.86 19.60
C ALA B 59 -4.90 7.22 18.44
N GLN B 60 -4.52 7.50 17.19
CA GLN B 60 -5.18 6.91 16.04
C GLN B 60 -4.29 5.97 15.25
N ASP B 61 -3.21 5.46 15.84
CA ASP B 61 -2.24 4.63 15.12
C ASP B 61 -2.48 3.16 15.48
N TYR B 62 -3.15 2.43 14.58
CA TYR B 62 -3.56 1.06 14.79
C TYR B 62 -3.09 0.18 13.65
N GLN B 63 -3.06 -1.12 13.91
CA GLN B 63 -2.68 -2.11 12.92
C GLN B 63 -3.55 -3.35 13.11
N ALA B 64 -3.71 -4.10 12.02
CA ALA B 64 -4.46 -5.34 12.03
C ALA B 64 -3.49 -6.51 11.92
N ILE B 65 -3.67 -7.51 12.78
CA ILE B 65 -3.01 -8.79 12.65
C ILE B 65 -4.00 -9.68 11.93
N LEU B 66 -3.64 -10.09 10.69
CA LEU B 66 -4.56 -10.84 9.86
C LEU B 66 -4.56 -12.31 10.26
N PRO B 67 -5.71 -12.96 10.26
CA PRO B 67 -5.76 -14.38 10.61
C PRO B 67 -5.13 -15.27 9.54
N ALA B 68 -4.98 -16.52 9.91
CA ALA B 68 -4.63 -17.53 8.93
C ALA B 68 -5.74 -17.66 7.90
N TYR B 69 -5.36 -18.08 6.71
CA TYR B 69 -6.32 -18.28 5.62
C TYR B 69 -7.21 -19.48 5.92
N VAL B 70 -8.49 -19.35 5.59
CA VAL B 70 -9.47 -20.41 5.77
C VAL B 70 -9.74 -21.01 4.40
N GLN B 71 -9.32 -22.26 4.22
CA GLN B 71 -9.51 -22.90 2.92
C GLN B 71 -11.00 -23.11 2.68
N GLY B 72 -11.47 -22.61 1.54
CA GLY B 72 -12.87 -22.64 1.21
C GLY B 72 -13.73 -21.65 1.98
N GLY B 73 -13.13 -20.81 2.81
CA GLY B 73 -13.88 -19.93 3.69
C GLY B 73 -14.09 -18.55 3.11
N SER B 74 -14.66 -17.67 3.95
CA SER B 74 -14.96 -16.31 3.55
C SER B 74 -13.69 -15.49 3.37
N ASN B 75 -12.86 -15.44 4.41
CA ASN B 75 -11.62 -14.66 4.40
C ASN B 75 -11.85 -13.16 4.26
N VAL B 76 -13.07 -12.71 4.51
CA VAL B 76 -13.41 -11.30 4.54
C VAL B 76 -13.87 -10.96 5.95
N TYR B 77 -13.33 -9.89 6.51
CA TYR B 77 -13.57 -9.52 7.90
C TYR B 77 -13.99 -8.06 7.98
N LYS B 78 -15.17 -7.83 8.54
CA LYS B 78 -15.72 -6.48 8.69
C LYS B 78 -15.55 -6.05 10.14
N VAL B 79 -14.86 -4.93 10.35
CA VAL B 79 -14.59 -4.39 11.67
C VAL B 79 -15.01 -2.92 11.65
N THR B 80 -15.27 -2.37 12.83
CA THR B 80 -15.75 -1.01 12.94
C THR B 80 -14.94 -0.22 13.96
N ALA B 81 -14.78 1.06 13.67
CA ALA B 81 -14.04 1.99 14.52
C ALA B 81 -14.88 3.22 14.80
N ARG B 82 -14.81 3.71 16.04
CA ARG B 82 -15.49 4.93 16.44
C ARG B 82 -14.48 5.79 17.19
N ALA B 83 -14.36 7.04 16.78
CA ALA B 83 -13.50 8.00 17.46
C ALA B 83 -14.29 8.75 18.52
N TYR B 84 -13.61 9.10 19.61
CA TYR B 84 -14.15 9.96 20.65
C TYR B 84 -13.23 11.16 20.84
N ASP B 85 -13.81 12.32 21.12
CA ASP B 85 -13.03 13.52 21.45
C ASP B 85 -12.91 13.67 22.97
N ARG B 86 -12.16 14.69 23.38
CA ARG B 86 -11.90 14.91 24.79
C ARG B 86 -13.13 15.28 25.59
N ASN B 87 -14.20 15.72 24.93
CA ASN B 87 -15.47 16.06 25.57
C ASN B 87 -16.43 14.88 25.61
N GLY B 88 -16.07 13.74 25.04
CA GLY B 88 -16.93 12.59 25.02
C GLY B 88 -17.83 12.44 23.82
N ASN B 89 -17.80 13.38 22.87
CA ASN B 89 -18.54 13.18 21.62
C ASN B 89 -17.87 12.09 20.82
N SER B 90 -18.64 11.44 19.97
CA SER B 90 -18.09 10.41 19.09
C SER B 90 -18.34 10.74 17.62
N SER B 91 -17.64 10.00 16.78
CA SER B 91 -17.82 10.00 15.34
C SER B 91 -18.86 8.96 14.92
N ASN B 92 -19.07 8.82 13.62
CA ASN B 92 -19.76 7.65 13.11
C ASN B 92 -18.94 6.41 13.46
N ASN B 93 -19.60 5.26 13.48
CA ASN B 93 -18.95 3.97 13.61
C ASN B 93 -18.63 3.53 12.18
N VAL B 94 -17.35 3.54 11.84
CA VAL B 94 -16.92 3.45 10.44
C VAL B 94 -16.40 2.06 10.13
N LEU B 95 -16.82 1.54 8.98
CA LEU B 95 -16.47 0.18 8.58
C LEU B 95 -15.11 0.14 7.91
N LEU B 96 -14.32 -0.86 8.28
CA LEU B 96 -13.09 -1.26 7.61
C LEU B 96 -13.25 -2.71 7.21
N THR B 97 -12.98 -3.03 5.95
CA THR B 97 -13.05 -4.40 5.44
C THR B 97 -11.64 -4.91 5.21
N ILE B 98 -11.34 -6.08 5.77
CA ILE B 98 -10.03 -6.71 5.71
C ILE B 98 -10.21 -8.05 5.00
N THR B 99 -9.51 -8.24 3.90
CA THR B 99 -9.57 -9.47 3.13
C THR B 99 -8.22 -10.15 3.16
N VAL B 100 -8.22 -11.48 3.42
CA VAL B 100 -7.03 -12.28 3.64
C VAL B 100 -6.81 -13.21 2.45
N LEU B 101 -5.60 -13.17 1.90
N LEU B 101 -5.59 -13.21 1.92
CA LEU B 101 -5.15 -14.09 0.86
CA LEU B 101 -5.19 -14.10 0.84
C LEU B 101 -4.29 -15.17 1.49
C LEU B 101 -4.15 -15.09 1.35
N SER B 102 -4.21 -16.32 0.82
CA SER B 102 -3.34 -17.38 1.31
C SER B 102 -1.91 -17.12 0.87
N ASN B 103 -0.99 -17.85 1.50
CA ASN B 103 0.42 -17.71 1.15
C ASN B 103 0.73 -18.26 -0.24
N GLY B 104 -0.22 -18.92 -0.90
CA GLY B 104 -0.07 -19.30 -2.29
C GLY B 104 -0.72 -18.37 -3.29
N GLN B 105 -1.30 -17.27 -2.85
CA GLN B 105 -2.01 -16.30 -3.68
C GLN B 105 -1.27 -14.98 -3.68
N VAL B 106 -1.67 -14.09 -4.60
CA VAL B 106 -0.99 -12.81 -4.78
C VAL B 106 -1.99 -11.70 -4.61
N VAL B 107 -1.71 -10.78 -3.67
CA VAL B 107 -2.58 -9.64 -3.46
C VAL B 107 -2.68 -8.82 -4.73
N ASP B 108 -3.89 -8.41 -5.08
CA ASP B 108 -4.24 -7.54 -6.20
C ASP B 108 -4.10 -8.20 -7.57
N GLN B 109 -3.78 -9.48 -7.65
CA GLN B 109 -3.61 -10.18 -8.92
C GLN B 109 -4.91 -10.84 -9.35
N VAL B 110 -5.20 -10.79 -10.65
CA VAL B 110 -6.25 -11.60 -11.25
C VAL B 110 -5.62 -12.97 -11.54
N GLY B 111 -5.92 -13.96 -10.71
CA GLY B 111 -5.25 -15.23 -10.80
C GLY B 111 -6.17 -16.40 -10.53
N VAL B 112 -5.75 -17.56 -11.02
CA VAL B 112 -6.45 -18.81 -10.70
C VAL B 112 -6.15 -19.16 -9.25
N THR B 113 -7.20 -19.29 -8.45
CA THR B 113 -7.04 -19.66 -7.05
C THR B 113 -7.33 -21.13 -6.81
N ASP B 114 -8.07 -21.78 -7.71
CA ASP B 114 -8.48 -23.17 -7.55
C ASP B 114 -8.53 -23.83 -8.92
N PHE B 115 -8.06 -25.06 -9.00
CA PHE B 115 -8.12 -25.82 -10.25
C PHE B 115 -8.25 -27.29 -9.87
N THR B 116 -9.46 -27.84 -10.03
CA THR B 116 -9.79 -29.16 -9.51
C THR B 116 -10.43 -30.01 -10.59
N ALA B 117 -10.29 -31.32 -10.44
CA ALA B 117 -10.87 -32.31 -11.34
C ALA B 117 -12.02 -33.01 -10.64
N ASP B 118 -12.98 -33.45 -11.45
CA ASP B 118 -14.15 -34.16 -10.91
C ASP B 118 -13.87 -35.63 -10.61
N LYS B 119 -12.76 -36.19 -11.08
CA LYS B 119 -12.39 -37.57 -10.83
C LYS B 119 -10.90 -37.66 -10.65
N THR B 120 -10.47 -38.66 -9.90
CA THR B 120 -9.05 -38.96 -9.72
C THR B 120 -8.55 -39.99 -10.72
N SER B 121 -9.45 -40.70 -11.39
CA SER B 121 -9.05 -41.75 -12.32
C SER B 121 -10.11 -41.88 -13.40
N ALA B 122 -9.69 -42.40 -14.55
CA ALA B 122 -10.59 -42.65 -15.66
C ALA B 122 -10.00 -43.74 -16.54
N LYS B 123 -10.86 -44.35 -17.34
CA LYS B 123 -10.43 -45.40 -18.25
C LYS B 123 -9.63 -44.81 -19.40
N ALA B 124 -8.53 -45.49 -19.74
CA ALA B 124 -7.67 -45.07 -20.84
C ALA B 124 -8.23 -45.52 -22.19
N ASP B 125 -9.49 -45.19 -22.45
CA ASP B 125 -10.13 -45.57 -23.70
C ASP B 125 -10.26 -44.40 -24.67
N GLY B 126 -9.62 -43.27 -24.36
CA GLY B 126 -9.77 -42.10 -25.19
C GLY B 126 -11.15 -41.51 -25.21
N THR B 127 -12.02 -41.94 -24.30
CA THR B 127 -13.42 -41.51 -24.32
C THR B 127 -13.86 -40.97 -22.96
N GLU B 128 -13.55 -41.66 -21.87
CA GLU B 128 -13.99 -41.17 -20.57
C GLU B 128 -13.28 -39.85 -20.26
N ALA B 129 -14.04 -38.85 -19.87
CA ALA B 129 -13.53 -37.50 -19.65
C ALA B 129 -13.35 -37.21 -18.17
N ILE B 130 -12.23 -36.56 -17.86
CA ILE B 130 -12.05 -35.91 -16.56
C ILE B 130 -12.23 -34.42 -16.79
N THR B 131 -13.14 -33.80 -16.06
CA THR B 131 -13.47 -32.40 -16.26
C THR B 131 -12.85 -31.55 -15.16
N TYR B 132 -12.13 -30.50 -15.57
CA TYR B 132 -11.43 -29.61 -14.66
C TYR B 132 -12.17 -28.28 -14.60
N THR B 133 -12.14 -27.65 -13.43
CA THR B 133 -12.76 -26.35 -13.21
C THR B 133 -11.72 -25.42 -12.60
N ALA B 134 -11.48 -24.29 -13.26
CA ALA B 134 -10.62 -23.24 -12.75
C ALA B 134 -11.47 -22.09 -12.24
N THR B 135 -11.13 -21.57 -11.06
CA THR B 135 -11.77 -20.39 -10.48
C THR B 135 -10.75 -19.26 -10.48
N VAL B 136 -11.16 -18.10 -11.00
CA VAL B 136 -10.31 -16.91 -11.10
C VAL B 136 -10.86 -15.86 -10.17
N LYS B 137 -10.00 -15.35 -9.29
CA LYS B 137 -10.38 -14.30 -8.35
C LYS B 137 -9.31 -13.23 -8.29
N LYS B 138 -9.72 -12.06 -7.80
CA LYS B 138 -8.82 -10.99 -7.42
C LYS B 138 -9.22 -10.59 -6.01
N ASN B 139 -8.31 -10.76 -5.05
CA ASN B 139 -8.59 -10.47 -3.65
C ASN B 139 -9.89 -11.13 -3.21
N GLY B 140 -10.04 -12.40 -3.59
CA GLY B 140 -11.15 -13.22 -3.17
C GLY B 140 -12.44 -13.01 -3.94
N VAL B 141 -12.47 -12.09 -4.89
CA VAL B 141 -13.68 -11.75 -5.62
C VAL B 141 -13.57 -12.38 -7.01
N ALA B 142 -14.56 -13.19 -7.37
CA ALA B 142 -14.57 -13.86 -8.67
C ALA B 142 -14.53 -12.86 -9.81
N GLN B 143 -13.78 -13.19 -10.85
CA GLN B 143 -13.56 -12.32 -11.99
C GLN B 143 -14.19 -12.91 -13.24
N ALA B 144 -15.02 -12.10 -13.89
CA ALA B 144 -15.81 -12.54 -15.04
C ALA B 144 -15.09 -12.25 -16.35
N ASN B 145 -15.25 -13.16 -17.31
CA ASN B 145 -14.80 -12.96 -18.69
C ASN B 145 -13.28 -12.87 -18.81
N VAL B 146 -12.56 -13.69 -18.05
CA VAL B 146 -11.10 -13.71 -18.04
C VAL B 146 -10.63 -14.96 -18.75
N PRO B 147 -9.73 -14.86 -19.73
CA PRO B 147 -9.22 -16.08 -20.39
C PRO B 147 -8.30 -16.88 -19.49
N VAL B 148 -8.52 -18.19 -19.47
CA VAL B 148 -7.70 -19.13 -18.71
C VAL B 148 -7.05 -20.07 -19.71
N SER B 149 -5.72 -20.22 -19.61
N SER B 149 -5.72 -20.18 -19.63
CA SER B 149 -4.96 -21.11 -20.48
CA SER B 149 -4.96 -21.10 -20.47
C SER B 149 -4.73 -22.43 -19.78
C SER B 149 -4.79 -22.43 -19.75
N PHE B 150 -5.00 -23.53 -20.48
CA PHE B 150 -4.87 -24.87 -19.94
C PHE B 150 -3.75 -25.58 -20.67
N ASN B 151 -2.93 -26.32 -19.93
N ASN B 151 -2.98 -26.36 -19.93
CA ASN B 151 -1.80 -27.02 -20.55
CA ASN B 151 -1.75 -26.98 -20.42
C ASN B 151 -1.49 -28.28 -19.77
C ASN B 151 -1.59 -28.33 -19.76
N ILE B 152 -1.11 -29.31 -20.51
CA ILE B 152 -0.68 -30.58 -19.93
C ILE B 152 0.80 -30.44 -19.54
N VAL B 153 1.06 -30.49 -18.24
CA VAL B 153 2.41 -30.33 -17.71
C VAL B 153 3.20 -31.61 -17.90
N SER B 154 2.56 -32.75 -17.70
CA SER B 154 3.24 -34.02 -17.83
C SER B 154 2.20 -35.09 -18.12
N GLY B 155 2.63 -36.13 -18.80
CA GLY B 155 1.75 -37.23 -19.19
C GLY B 155 1.24 -37.08 -20.62
N THR B 156 0.53 -38.13 -21.06
CA THR B 156 0.04 -38.26 -22.43
C THR B 156 -1.48 -38.22 -22.39
N ALA B 157 -2.07 -37.18 -22.96
CA ALA B 157 -3.52 -37.00 -22.95
C ALA B 157 -3.87 -35.90 -23.93
N VAL B 158 -5.17 -35.61 -24.02
CA VAL B 158 -5.69 -34.60 -24.93
C VAL B 158 -6.68 -33.72 -24.18
N LEU B 159 -6.48 -32.41 -24.26
CA LEU B 159 -7.39 -31.43 -23.68
C LEU B 159 -8.44 -31.04 -24.71
N SER B 160 -9.67 -30.79 -24.24
CA SER B 160 -10.73 -30.39 -25.15
C SER B 160 -10.47 -29.03 -25.76
N ALA B 161 -9.71 -28.19 -25.05
CA ALA B 161 -9.39 -26.85 -25.52
C ALA B 161 -8.16 -26.37 -24.76
N ASN B 162 -7.45 -25.42 -25.35
N ASN B 162 -7.45 -25.42 -25.37
CA ASN B 162 -6.28 -24.84 -24.72
CA ASN B 162 -6.28 -24.83 -24.74
C ASN B 162 -6.59 -23.54 -23.98
C ASN B 162 -6.61 -23.57 -23.95
N SER B 163 -7.82 -23.04 -24.08
CA SER B 163 -8.20 -21.82 -23.38
C SER B 163 -9.71 -21.76 -23.29
N ALA B 164 -10.20 -21.14 -22.22
CA ALA B 164 -11.62 -20.83 -22.07
C ALA B 164 -11.73 -19.59 -21.18
N ASN B 165 -12.77 -18.81 -21.39
CA ASN B 165 -13.00 -17.60 -20.62
C ASN B 165 -13.92 -17.91 -19.45
N THR B 166 -13.64 -17.29 -18.30
CA THR B 166 -14.49 -17.49 -17.14
C THR B 166 -15.88 -16.90 -17.38
N ASN B 167 -16.87 -17.51 -16.74
CA ASN B 167 -18.24 -17.01 -16.81
C ASN B 167 -18.41 -15.92 -15.77
N GLY B 168 -19.66 -15.49 -15.54
CA GLY B 168 -19.92 -14.43 -14.57
C GLY B 168 -19.56 -14.79 -13.16
N SER B 169 -19.42 -16.09 -12.87
CA SER B 169 -19.04 -16.57 -11.55
C SER B 169 -17.55 -16.89 -11.45
N GLY B 170 -16.76 -16.51 -12.46
CA GLY B 170 -15.33 -16.70 -12.38
C GLY B 170 -14.83 -18.09 -12.70
N LYS B 171 -15.65 -18.94 -13.32
CA LYS B 171 -15.30 -20.33 -13.55
C LYS B 171 -15.13 -20.64 -15.03
N ALA B 172 -14.09 -21.41 -15.35
CA ALA B 172 -13.82 -21.91 -16.70
C ALA B 172 -13.51 -23.40 -16.60
N THR B 173 -13.94 -24.18 -17.60
CA THR B 173 -13.82 -25.62 -17.54
C THR B 173 -13.12 -26.15 -18.79
N VAL B 174 -12.58 -27.36 -18.66
CA VAL B 174 -11.95 -28.08 -19.77
C VAL B 174 -12.01 -29.56 -19.45
N THR B 175 -11.98 -30.41 -20.49
CA THR B 175 -12.00 -31.85 -20.29
C THR B 175 -10.69 -32.47 -20.78
N LEU B 176 -10.35 -33.60 -20.19
CA LEU B 176 -9.13 -34.33 -20.45
C LEU B 176 -9.51 -35.79 -20.72
N LYS B 177 -8.94 -36.37 -21.79
CA LYS B 177 -9.15 -37.76 -22.13
C LYS B 177 -7.81 -38.35 -22.53
N SER B 178 -7.70 -39.68 -22.47
CA SER B 178 -6.45 -40.31 -22.89
C SER B 178 -6.67 -41.75 -23.33
N ASP B 179 -5.90 -42.17 -24.34
CA ASP B 179 -5.85 -43.54 -24.79
C ASP B 179 -4.70 -44.33 -24.17
N LYS B 180 -3.91 -43.71 -23.31
CA LYS B 180 -2.73 -44.35 -22.75
C LYS B 180 -2.82 -44.36 -21.23
N PRO B 181 -2.53 -45.49 -20.59
CA PRO B 181 -2.51 -45.50 -19.13
C PRO B 181 -1.33 -44.69 -18.60
N GLY B 182 -1.55 -44.03 -17.48
CA GLY B 182 -0.50 -43.25 -16.85
C GLY B 182 -1.08 -42.05 -16.13
N GLN B 183 -0.17 -41.30 -15.49
CA GLN B 183 -0.53 -40.11 -14.75
C GLN B 183 -0.44 -38.88 -15.64
N VAL B 184 -1.31 -37.91 -15.36
CA VAL B 184 -1.34 -36.64 -16.10
C VAL B 184 -1.53 -35.49 -15.12
N VAL B 185 -0.76 -34.44 -15.31
CA VAL B 185 -0.90 -33.19 -14.56
C VAL B 185 -1.30 -32.10 -15.53
N VAL B 186 -2.40 -31.42 -15.24
CA VAL B 186 -2.90 -30.30 -16.03
C VAL B 186 -2.74 -29.03 -15.20
N SER B 187 -2.47 -27.92 -15.88
CA SER B 187 -2.33 -26.63 -15.24
C SER B 187 -3.29 -25.61 -15.84
N ALA B 188 -3.54 -24.55 -15.06
CA ALA B 188 -4.38 -23.42 -15.46
C ALA B 188 -3.68 -22.12 -15.11
N LYS B 189 -3.80 -21.14 -16.00
CA LYS B 189 -3.08 -19.88 -15.83
C LYS B 189 -3.88 -18.73 -16.46
N THR B 190 -3.79 -17.56 -15.83
CA THR B 190 -4.29 -16.32 -16.41
C THR B 190 -3.10 -15.46 -16.78
N ALA B 191 -3.38 -14.43 -17.60
CA ALA B 191 -2.30 -13.65 -18.20
C ALA B 191 -1.40 -13.02 -17.15
N GLU B 192 -1.98 -12.53 -16.04
CA GLU B 192 -1.19 -11.80 -15.07
C GLU B 192 -0.29 -12.70 -14.22
N MET B 193 -0.60 -14.00 -14.12
CA MET B 193 0.15 -14.89 -13.26
C MET B 193 1.56 -15.12 -13.80
N THR B 194 2.49 -15.35 -12.86
CA THR B 194 3.87 -15.63 -13.23
C THR B 194 4.08 -17.09 -13.59
N SER B 195 3.27 -17.98 -13.03
CA SER B 195 3.35 -19.40 -13.35
C SER B 195 1.98 -20.01 -13.16
N ALA B 196 1.78 -21.17 -13.79
CA ALA B 196 0.48 -21.83 -13.79
C ALA B 196 0.25 -22.57 -12.48
N LEU B 197 -1.03 -22.77 -12.18
CA LEU B 197 -1.45 -23.57 -11.02
C LEU B 197 -1.70 -25.00 -11.50
N ASN B 198 -0.96 -25.95 -10.92
CA ASN B 198 -1.14 -27.36 -11.27
C ASN B 198 -2.28 -27.99 -10.48
N ALA B 199 -3.13 -28.74 -11.17
CA ALA B 199 -4.06 -29.62 -10.50
C ALA B 199 -3.30 -30.84 -9.98
N ASN B 200 -3.89 -31.51 -9.00
N ASN B 200 -3.90 -31.52 -9.01
CA ASN B 200 -3.32 -32.78 -8.56
CA ASN B 200 -3.37 -32.80 -8.57
C ASN B 200 -3.36 -33.77 -9.72
C ASN B 200 -3.35 -33.76 -9.75
N ALA B 201 -2.34 -34.64 -9.76
CA ALA B 201 -2.24 -35.63 -10.82
C ALA B 201 -3.48 -36.51 -10.86
N VAL B 202 -3.89 -36.90 -12.07
CA VAL B 202 -4.91 -37.91 -12.27
C VAL B 202 -4.26 -39.08 -13.00
N ILE B 203 -4.96 -40.22 -12.98
CA ILE B 203 -4.44 -41.46 -13.56
C ILE B 203 -5.46 -42.03 -14.53
N PHE B 204 -4.99 -42.42 -15.71
CA PHE B 204 -5.79 -43.17 -16.67
C PHE B 204 -5.38 -44.64 -16.56
N VAL B 205 -6.38 -45.53 -16.53
CA VAL B 205 -6.16 -46.94 -16.20
C VAL B 205 -6.61 -47.81 -17.38
N ASP B 206 -5.77 -48.77 -17.73
CA ASP B 206 -6.11 -49.78 -18.73
C ASP B 206 -6.77 -50.96 -18.02
N GLN B 207 -8.02 -51.24 -18.39
CA GLN B 207 -8.75 -52.33 -17.75
C GLN B 207 -8.50 -53.66 -18.47
N ASP C 4 -33.85 30.60 -4.93
CA ASP C 4 -33.67 31.90 -4.29
C ASP C 4 -33.00 31.73 -2.92
N ILE C 5 -33.72 31.12 -1.99
CA ILE C 5 -33.21 30.98 -0.63
C ILE C 5 -32.31 29.75 -0.51
N LEU C 6 -32.69 28.63 -1.12
CA LEU C 6 -31.92 27.40 -0.94
C LEU C 6 -32.19 26.49 -2.12
N SER C 7 -31.13 26.13 -2.84
CA SER C 7 -31.26 25.23 -3.98
C SER C 7 -30.17 24.17 -3.95
N LEU C 8 -30.54 22.99 -4.43
CA LEU C 8 -29.64 21.85 -4.56
C LEU C 8 -29.77 21.30 -5.96
N ASN C 9 -28.63 21.04 -6.59
CA ASN C 9 -28.61 20.42 -7.91
C ASN C 9 -27.56 19.32 -7.94
N ILE C 10 -27.93 18.20 -8.56
CA ILE C 10 -27.01 17.10 -8.81
C ILE C 10 -26.99 16.92 -10.32
N PRO C 11 -26.04 17.55 -11.01
CA PRO C 11 -26.15 17.64 -12.48
C PRO C 11 -25.92 16.34 -13.22
N HIS C 12 -25.16 15.40 -12.66
CA HIS C 12 -24.73 14.24 -13.42
C HIS C 12 -25.01 12.96 -12.64
N ASP C 13 -25.55 11.98 -13.35
CA ASP C 13 -25.70 10.64 -12.79
C ASP C 13 -24.35 9.94 -12.80
N ILE C 14 -24.27 8.83 -12.06
CA ILE C 14 -23.03 8.09 -11.85
C ILE C 14 -23.17 6.74 -12.54
N ASN C 15 -22.15 6.37 -13.32
CA ASN C 15 -22.01 5.04 -13.90
C ASN C 15 -20.64 4.53 -13.49
N GLY C 16 -20.60 3.41 -12.76
CA GLY C 16 -19.33 2.94 -12.24
C GLY C 16 -19.27 1.44 -12.08
N THR C 17 -18.05 0.95 -11.89
CA THR C 17 -17.83 -0.47 -11.72
C THR C 17 -18.26 -0.88 -10.31
N GLU C 18 -18.76 -2.10 -10.21
CA GLU C 18 -19.21 -2.63 -8.93
C GLU C 18 -18.13 -2.51 -7.87
N ARG C 19 -18.57 -2.26 -6.64
CA ARG C 19 -17.75 -2.17 -5.44
C ARG C 19 -16.87 -0.93 -5.38
N SER C 20 -16.94 -0.04 -6.37
CA SER C 20 -16.08 1.13 -6.39
C SER C 20 -16.70 2.27 -5.58
N THR C 21 -15.86 3.24 -5.26
CA THR C 21 -16.27 4.48 -4.61
C THR C 21 -16.31 5.58 -5.65
N GLN C 22 -17.43 6.28 -5.73
CA GLN C 22 -17.66 7.28 -6.75
C GLN C 22 -18.00 8.61 -6.09
N LYS C 23 -17.27 9.65 -6.42
CA LYS C 23 -17.56 10.96 -5.88
C LYS C 23 -18.85 11.52 -6.50
N ILE C 24 -19.60 12.25 -5.68
CA ILE C 24 -20.86 12.86 -6.09
C ILE C 24 -20.62 14.34 -6.24
N GLN C 25 -21.04 14.91 -7.37
CA GLN C 25 -20.96 16.35 -7.60
C GLN C 25 -22.29 16.99 -7.21
N LEU C 26 -22.26 17.85 -6.20
CA LEU C 26 -23.41 18.61 -5.77
C LEU C 26 -23.14 20.10 -6.00
N ILE C 27 -24.19 20.84 -6.32
CA ILE C 27 -24.12 22.30 -6.36
C ILE C 27 -25.18 22.85 -5.43
N VAL C 28 -24.76 23.63 -4.43
CA VAL C 28 -25.66 24.18 -3.44
C VAL C 28 -25.56 25.70 -3.51
N LYS C 29 -26.70 26.37 -3.46
CA LYS C 29 -26.75 27.81 -3.22
C LYS C 29 -27.66 28.05 -2.03
N SER C 30 -27.18 28.84 -1.06
CA SER C 30 -27.88 29.00 0.21
C SER C 30 -27.69 30.42 0.71
N LYS C 31 -28.79 31.16 0.82
CA LYS C 31 -28.73 32.51 1.38
C LYS C 31 -28.27 32.49 2.82
N TYR C 32 -28.74 31.54 3.62
CA TYR C 32 -28.50 31.53 5.05
C TYR C 32 -27.37 30.61 5.49
N GLY C 33 -26.79 29.84 4.56
CA GLY C 33 -25.69 28.96 4.88
C GLY C 33 -26.12 27.51 4.94
N LEU C 34 -25.38 26.65 4.27
CA LEU C 34 -25.72 25.23 4.29
C LEU C 34 -25.41 24.63 5.65
N ASP C 35 -26.38 23.89 6.19
CA ASP C 35 -26.19 23.12 7.41
C ASP C 35 -25.82 21.68 7.12
N ARG C 36 -26.53 21.01 6.22
CA ARG C 36 -26.32 19.58 5.99
C ARG C 36 -27.08 19.14 4.75
N ILE C 37 -26.68 17.97 4.25
CA ILE C 37 -27.41 17.22 3.24
C ILE C 37 -27.90 15.93 3.89
N VAL C 38 -29.17 15.61 3.70
CA VAL C 38 -29.77 14.37 4.19
C VAL C 38 -30.10 13.48 2.99
N TRP C 39 -29.62 12.25 3.03
CA TRP C 39 -29.78 11.32 1.92
C TRP C 39 -30.76 10.22 2.26
N ASP C 40 -31.57 9.84 1.29
CA ASP C 40 -32.29 8.57 1.31
C ASP C 40 -31.55 7.68 0.30
N ASP C 41 -30.67 6.82 0.81
CA ASP C 41 -29.88 5.90 0.00
C ASP C 41 -30.36 4.46 0.15
N SER C 42 -31.63 4.27 0.53
CA SER C 42 -32.16 2.94 0.79
C SER C 42 -32.00 2.02 -0.41
N ALA C 43 -32.14 2.54 -1.63
CA ALA C 43 -31.97 1.69 -2.81
C ALA C 43 -30.58 1.06 -2.85
N LEU C 44 -29.54 1.85 -2.57
CA LEU C 44 -28.19 1.29 -2.51
C LEU C 44 -28.06 0.31 -1.36
N ARG C 45 -28.67 0.62 -0.22
CA ARG C 45 -28.52 -0.27 0.93
C ARG C 45 -29.18 -1.63 0.69
N SER C 46 -30.19 -1.68 -0.17
CA SER C 46 -30.79 -2.97 -0.51
C SER C 46 -29.78 -3.96 -1.06
N GLN C 47 -28.66 -3.47 -1.61
CA GLN C 47 -27.61 -4.34 -2.16
C GLN C 47 -26.27 -4.11 -1.48
N GLY C 48 -26.27 -3.48 -0.31
CA GLY C 48 -25.04 -3.36 0.46
C GLY C 48 -24.19 -2.16 0.15
N GLY C 49 -24.66 -1.22 -0.68
CA GLY C 49 -23.97 0.02 -0.90
C GLY C 49 -24.51 1.11 0.01
N GLN C 50 -23.96 2.30 -0.17
CA GLN C 50 -24.37 3.44 0.67
C GLN C 50 -23.80 4.73 0.12
N ILE C 51 -24.36 5.84 0.58
CA ILE C 51 -23.77 7.15 0.41
C ILE C 51 -23.16 7.55 1.74
N GLN C 52 -21.97 8.12 1.70
CA GLN C 52 -21.28 8.55 2.91
C GLN C 52 -20.56 9.87 2.66
N HIS C 53 -20.43 10.66 3.72
CA HIS C 53 -19.66 11.88 3.64
C HIS C 53 -18.19 11.56 3.44
N SER C 54 -17.52 12.33 2.60
CA SER C 54 -16.15 12.01 2.20
C SER C 54 -15.10 12.47 3.21
N GLY C 55 -15.46 13.25 4.21
CA GLY C 55 -14.51 13.69 5.21
C GLY C 55 -13.85 15.02 4.95
N SER C 56 -14.20 15.71 3.87
CA SER C 56 -13.61 17.01 3.60
C SER C 56 -14.27 18.08 4.48
N GLN C 57 -13.77 19.31 4.38
CA GLN C 57 -14.27 20.40 5.19
C GLN C 57 -15.58 20.99 4.66
N SER C 58 -16.22 20.34 3.70
CA SER C 58 -17.42 20.84 3.06
C SER C 58 -18.61 19.98 3.45
N ALA C 59 -19.68 20.63 3.91
CA ALA C 59 -20.88 19.90 4.30
C ALA C 59 -21.58 19.23 3.12
N GLN C 60 -21.09 19.43 1.89
CA GLN C 60 -21.70 18.85 0.71
C GLN C 60 -20.81 17.85 -0.04
N ASP C 61 -19.71 17.40 0.56
CA ASP C 61 -18.80 16.47 -0.14
C ASP C 61 -19.17 15.03 0.22
N TYR C 62 -19.77 14.32 -0.74
CA TYR C 62 -20.29 12.97 -0.52
C TYR C 62 -19.78 12.03 -1.60
N GLN C 63 -19.85 10.74 -1.30
CA GLN C 63 -19.45 9.70 -2.24
C GLN C 63 -20.39 8.52 -2.10
N ALA C 64 -20.50 7.75 -3.18
CA ALA C 64 -21.30 6.54 -3.21
C ALA C 64 -20.38 5.33 -3.20
N ILE C 65 -20.69 4.38 -2.33
CA ILE C 65 -20.05 3.06 -2.33
C ILE C 65 -20.97 2.15 -3.13
N LEU C 66 -20.51 1.69 -4.27
CA LEU C 66 -21.37 0.95 -5.16
C LEU C 66 -21.46 -0.52 -4.74
N PRO C 67 -22.63 -1.12 -4.82
CA PRO C 67 -22.76 -2.54 -4.46
C PRO C 67 -22.08 -3.46 -5.47
N ALA C 68 -22.06 -4.73 -5.12
CA ALA C 68 -21.68 -5.76 -6.07
C ALA C 68 -22.71 -5.84 -7.18
N TYR C 69 -22.24 -6.24 -8.36
CA TYR C 69 -23.13 -6.39 -9.51
C TYR C 69 -24.11 -7.54 -9.27
N VAL C 70 -25.35 -7.33 -9.70
CA VAL C 70 -26.39 -8.35 -9.60
C VAL C 70 -26.55 -8.97 -10.98
N GLN C 71 -26.16 -10.22 -11.13
CA GLN C 71 -26.27 -10.89 -12.42
C GLN C 71 -27.74 -11.03 -12.79
N GLY C 72 -28.12 -10.50 -13.95
CA GLY C 72 -29.49 -10.51 -14.40
C GLY C 72 -30.39 -9.49 -13.74
N GLY C 73 -29.85 -8.67 -12.84
CA GLY C 73 -30.64 -7.74 -12.07
C GLY C 73 -30.70 -6.35 -12.67
N SER C 74 -31.31 -5.44 -11.92
CA SER C 74 -31.50 -4.07 -12.39
C SER C 74 -30.17 -3.32 -12.47
N ASN C 75 -29.43 -3.28 -11.37
CA ASN C 75 -28.17 -2.56 -11.26
C ASN C 75 -28.32 -1.05 -11.43
N VAL C 76 -29.54 -0.54 -11.28
CA VAL C 76 -29.82 0.90 -11.27
C VAL C 76 -30.38 1.25 -9.90
N TYR C 77 -29.81 2.28 -9.27
CA TYR C 77 -30.17 2.65 -7.91
C TYR C 77 -30.50 4.14 -7.91
N LYS C 78 -31.72 4.45 -7.51
CA LYS C 78 -32.18 5.84 -7.44
C LYS C 78 -32.20 6.29 -5.99
N VAL C 79 -31.48 7.38 -5.70
CA VAL C 79 -31.38 7.91 -4.35
C VAL C 79 -31.73 9.39 -4.41
N THR C 80 -32.11 9.94 -3.25
CA THR C 80 -32.56 11.32 -3.20
C THR C 80 -31.84 12.04 -2.07
N ALA C 81 -31.65 13.35 -2.25
CA ALA C 81 -31.01 14.20 -1.28
C ALA C 81 -31.81 15.46 -1.07
N ARG C 82 -31.77 15.97 0.16
CA ARG C 82 -32.33 17.26 0.53
C ARG C 82 -31.27 18.06 1.27
N ALA C 83 -31.10 19.31 0.90
CA ALA C 83 -30.22 20.22 1.61
C ALA C 83 -31.04 20.99 2.64
N TYR C 84 -30.42 21.31 3.78
CA TYR C 84 -31.01 22.15 4.80
C TYR C 84 -30.07 23.31 5.10
N ASP C 85 -30.63 24.49 5.31
CA ASP C 85 -29.81 25.65 5.70
C ASP C 85 -29.79 25.82 7.22
N ARG C 86 -29.01 26.80 7.69
CA ARG C 86 -28.84 27.00 9.12
C ARG C 86 -30.09 27.54 9.79
N ASN C 87 -31.09 27.97 9.02
CA ASN C 87 -32.37 28.41 9.57
C ASN C 87 -33.39 27.28 9.60
N GLY C 88 -33.04 26.09 9.10
CA GLY C 88 -33.93 24.97 9.08
C GLY C 88 -34.75 24.80 7.82
N ASN C 89 -34.63 25.70 6.85
CA ASN C 89 -35.30 25.51 5.57
C ASN C 89 -34.66 24.37 4.82
N SER C 90 -35.44 23.75 3.94
CA SER C 90 -34.91 22.69 3.09
C SER C 90 -35.06 23.05 1.63
N SER C 91 -34.32 22.32 0.82
CA SER C 91 -34.47 22.36 -0.63
C SER C 91 -35.55 21.37 -1.05
N ASN C 92 -35.83 21.31 -2.35
CA ASN C 92 -36.58 20.20 -2.90
C ASN C 92 -35.79 18.90 -2.76
N ASN C 93 -36.48 17.78 -2.96
CA ASN C 93 -35.84 16.47 -2.96
C ASN C 93 -35.27 16.18 -4.35
N VAL C 94 -33.95 16.00 -4.44
CA VAL C 94 -33.22 15.93 -5.71
C VAL C 94 -32.77 14.49 -5.95
N LEU C 95 -32.96 14.02 -7.18
CA LEU C 95 -32.64 12.64 -7.56
C LEU C 95 -31.22 12.47 -8.05
N LEU C 96 -30.58 11.38 -7.62
CA LEU C 96 -29.31 10.91 -8.17
C LEU C 96 -29.49 9.47 -8.60
N THR C 97 -29.11 9.15 -9.84
CA THR C 97 -29.19 7.78 -10.37
C THR C 97 -27.79 7.20 -10.47
N ILE C 98 -27.62 6.01 -9.90
CA ILE C 98 -26.34 5.30 -9.87
C ILE C 98 -26.52 3.97 -10.57
N THR C 99 -25.72 3.72 -11.60
CA THR C 99 -25.76 2.48 -12.37
C THR C 99 -24.44 1.73 -12.20
N VAL C 100 -24.53 0.43 -11.95
CA VAL C 100 -23.39 -0.42 -11.60
C VAL C 100 -23.11 -1.37 -12.75
N LEU C 101 -21.86 -1.44 -13.17
CA LEU C 101 -21.40 -2.39 -14.18
C LEU C 101 -20.53 -3.45 -13.51
N SER C 102 -20.48 -4.63 -14.13
CA SER C 102 -19.73 -5.72 -13.55
C SER C 102 -18.25 -5.57 -13.88
N ASN C 103 -17.42 -6.33 -13.14
CA ASN C 103 -15.98 -6.28 -13.38
C ASN C 103 -15.60 -6.86 -14.73
N GLY C 104 -16.52 -7.52 -15.43
CA GLY C 104 -16.31 -7.99 -16.77
C GLY C 104 -16.86 -7.08 -17.85
N GLN C 105 -17.40 -5.94 -17.46
CA GLN C 105 -17.98 -4.93 -18.35
C GLN C 105 -17.13 -3.67 -18.23
N VAL C 106 -17.35 -2.74 -19.17
CA VAL C 106 -16.55 -1.52 -19.29
C VAL C 106 -17.46 -0.31 -19.26
N VAL C 107 -17.18 0.63 -18.34
CA VAL C 107 -17.97 1.86 -18.27
C VAL C 107 -17.84 2.65 -19.57
N ASP C 108 -18.97 3.16 -20.05
CA ASP C 108 -19.10 4.00 -21.25
C ASP C 108 -18.88 3.24 -22.56
N GLN C 109 -18.67 1.93 -22.52
CA GLN C 109 -18.43 1.15 -23.73
C GLN C 109 -19.74 0.59 -24.27
N VAL C 110 -19.87 0.62 -25.60
CA VAL C 110 -20.95 -0.08 -26.30
C VAL C 110 -20.46 -1.51 -26.53
N GLY C 111 -20.95 -2.45 -25.72
CA GLY C 111 -20.41 -3.79 -25.74
C GLY C 111 -21.48 -4.85 -25.57
N VAL C 112 -21.13 -6.04 -26.04
CA VAL C 112 -21.98 -7.22 -25.80
C VAL C 112 -21.85 -7.60 -24.34
N THR C 113 -22.97 -7.59 -23.62
CA THR C 113 -22.99 -7.98 -22.22
C THR C 113 -23.47 -9.41 -22.01
N ASP C 114 -24.21 -9.97 -22.96
CA ASP C 114 -24.78 -11.31 -22.84
C ASP C 114 -24.78 -11.95 -24.21
N PHE C 115 -24.45 -13.24 -24.25
CA PHE C 115 -24.47 -13.99 -25.51
C PHE C 115 -24.83 -15.42 -25.14
N THR C 116 -26.06 -15.81 -25.44
CA THR C 116 -26.60 -17.08 -24.98
C THR C 116 -27.23 -17.84 -26.14
N ALA C 117 -27.27 -19.14 -26.00
CA ALA C 117 -27.90 -20.05 -26.95
C ALA C 117 -29.22 -20.53 -26.39
N ASP C 118 -30.16 -20.83 -27.29
CA ASP C 118 -31.48 -21.31 -26.84
C ASP C 118 -31.48 -22.77 -26.43
N LYS C 119 -30.45 -23.53 -26.79
CA LYS C 119 -30.34 -24.93 -26.41
C LYS C 119 -28.86 -25.23 -26.19
N THR C 120 -28.60 -26.26 -25.36
CA THR C 120 -27.23 -26.65 -25.09
C THR C 120 -26.72 -27.74 -26.03
N SER C 121 -27.61 -28.41 -26.76
CA SER C 121 -27.22 -29.46 -27.67
C SER C 121 -28.21 -29.50 -28.83
N ALA C 122 -27.74 -30.08 -29.94
CA ALA C 122 -28.55 -30.21 -31.14
C ALA C 122 -28.02 -31.38 -31.96
N LYS C 123 -28.86 -31.86 -32.86
CA LYS C 123 -28.46 -32.94 -33.75
C LYS C 123 -27.42 -32.45 -34.75
N ALA C 124 -26.40 -33.27 -34.98
CA ALA C 124 -25.38 -32.98 -35.98
C ALA C 124 -25.84 -33.41 -37.36
N ASP C 125 -27.04 -32.98 -37.75
CA ASP C 125 -27.63 -33.34 -39.04
C ASP C 125 -27.63 -32.19 -40.04
N GLY C 126 -26.93 -31.10 -39.73
CA GLY C 126 -26.95 -29.95 -40.60
C GLY C 126 -28.29 -29.26 -40.75
N THR C 127 -29.25 -29.58 -39.88
CA THR C 127 -30.61 -29.08 -40.02
C THR C 127 -31.08 -28.43 -38.73
N GLU C 128 -30.89 -29.06 -37.59
CA GLU C 128 -31.34 -28.45 -36.34
C GLU C 128 -30.50 -27.22 -36.03
N ALA C 129 -31.18 -26.13 -35.73
CA ALA C 129 -30.53 -24.85 -35.48
C ALA C 129 -30.41 -24.60 -33.99
N ILE C 130 -29.25 -24.09 -33.56
CA ILE C 130 -29.09 -23.48 -32.25
C ILE C 130 -29.08 -21.98 -32.51
N THR C 131 -29.99 -21.26 -31.86
CA THR C 131 -30.13 -19.84 -32.09
C THR C 131 -29.48 -19.07 -30.95
N TYR C 132 -28.58 -18.18 -31.30
CA TYR C 132 -27.84 -17.38 -30.32
C TYR C 132 -28.38 -15.97 -30.32
N THR C 133 -28.40 -15.35 -29.14
CA THR C 133 -28.84 -13.98 -28.96
C THR C 133 -27.77 -13.19 -28.22
N ALA C 134 -27.30 -12.11 -28.83
CA ALA C 134 -26.36 -11.19 -28.21
C ALA C 134 -27.12 -9.96 -27.76
N THR C 135 -26.86 -9.50 -26.54
CA THR C 135 -27.41 -8.26 -26.04
C THR C 135 -26.30 -7.24 -25.91
N VAL C 136 -26.52 -6.05 -26.47
CA VAL C 136 -25.54 -4.97 -26.49
C VAL C 136 -26.07 -3.84 -25.62
N LYS C 137 -25.25 -3.38 -24.68
CA LYS C 137 -25.63 -2.28 -23.80
C LYS C 137 -24.48 -1.30 -23.66
N LYS C 138 -24.83 -0.07 -23.25
CA LYS C 138 -23.87 0.93 -22.80
C LYS C 138 -24.36 1.39 -21.43
N ASN C 139 -23.56 1.14 -20.40
CA ASN C 139 -23.94 1.49 -19.03
C ASN C 139 -25.34 0.97 -18.69
N GLY C 140 -25.59 -0.28 -19.06
CA GLY C 140 -26.84 -0.96 -18.73
C GLY C 140 -28.01 -0.66 -19.63
N VAL C 141 -27.84 0.20 -20.64
CA VAL C 141 -28.92 0.63 -21.51
C VAL C 141 -28.76 -0.04 -22.87
N ALA C 142 -29.81 -0.73 -23.31
CA ALA C 142 -29.77 -1.43 -24.60
C ALA C 142 -29.49 -0.46 -25.74
N GLN C 143 -28.66 -0.90 -26.70
CA GLN C 143 -28.24 -0.08 -27.82
C GLN C 143 -28.74 -0.67 -29.12
N ALA C 144 -29.44 0.14 -29.91
CA ALA C 144 -30.05 -0.30 -31.15
C ALA C 144 -29.14 -0.02 -32.35
N ASN C 145 -29.27 -0.87 -33.37
CA ASN C 145 -28.62 -0.67 -34.67
C ASN C 145 -27.11 -0.84 -34.61
N VAL C 146 -26.61 -1.61 -33.66
CA VAL C 146 -25.17 -1.82 -33.49
C VAL C 146 -24.79 -3.12 -34.20
N PRO C 147 -23.80 -3.10 -35.09
CA PRO C 147 -23.37 -4.36 -35.72
C PRO C 147 -22.63 -5.24 -34.73
N VAL C 148 -23.00 -6.52 -34.69
CA VAL C 148 -22.37 -7.52 -33.85
C VAL C 148 -21.74 -8.54 -34.78
N SER C 149 -20.47 -8.87 -34.53
CA SER C 149 -19.75 -9.85 -35.33
C SER C 149 -19.77 -11.19 -34.62
N PHE C 150 -20.07 -12.24 -35.36
CA PHE C 150 -20.13 -13.59 -34.82
C PHE C 150 -19.02 -14.44 -35.42
N ASN C 151 -18.36 -15.23 -34.57
CA ASN C 151 -17.28 -16.09 -35.01
C ASN C 151 -17.36 -17.42 -34.28
N ILE C 152 -16.97 -18.48 -34.98
CA ILE C 152 -16.80 -19.79 -34.36
C ILE C 152 -15.38 -19.83 -33.82
N VAL C 153 -15.26 -19.91 -32.51
CA VAL C 153 -13.95 -19.90 -31.84
C VAL C 153 -13.30 -21.26 -31.94
N SER C 154 -14.08 -22.32 -31.74
CA SER C 154 -13.55 -23.67 -31.79
C SER C 154 -14.70 -24.60 -32.13
N GLY C 155 -14.36 -25.72 -32.78
CA GLY C 155 -15.34 -26.69 -33.21
C GLY C 155 -15.74 -26.48 -34.65
N THR C 156 -16.54 -27.44 -35.14
CA THR C 156 -16.94 -27.50 -36.54
C THR C 156 -18.43 -27.24 -36.64
N ALA C 157 -18.80 -26.15 -37.31
CA ALA C 157 -20.19 -25.77 -37.47
C ALA C 157 -20.23 -24.65 -38.51
N VAL C 158 -21.44 -24.17 -38.79
CA VAL C 158 -21.67 -23.13 -39.79
C VAL C 158 -22.65 -22.12 -39.20
N LEU C 159 -22.27 -20.85 -39.24
CA LEU C 159 -23.12 -19.75 -38.81
C LEU C 159 -23.97 -19.26 -39.97
N SER C 160 -25.20 -18.87 -39.67
CA SER C 160 -26.07 -18.36 -40.71
C SER C 160 -25.60 -17.03 -41.27
N ALA C 161 -24.83 -16.29 -40.48
CA ALA C 161 -24.31 -14.99 -40.89
C ALA C 161 -23.12 -14.69 -40.00
N ASN C 162 -22.19 -13.89 -40.51
N ASN C 162 -22.20 -13.88 -40.51
CA ASN C 162 -21.04 -13.46 -39.75
CA ASN C 162 -21.03 -13.46 -39.76
C ASN C 162 -21.30 -12.21 -38.92
C ASN C 162 -21.24 -12.14 -39.03
N SER C 163 -22.41 -11.52 -39.18
CA SER C 163 -22.71 -10.30 -38.45
C SER C 163 -24.20 -10.02 -38.54
N ALA C 164 -24.68 -9.26 -37.56
CA ALA C 164 -26.07 -8.81 -37.56
C ALA C 164 -26.17 -7.57 -36.67
N ASN C 165 -27.14 -6.72 -36.99
CA ASN C 165 -27.37 -5.49 -36.25
C ASN C 165 -28.42 -5.72 -35.16
N THR C 166 -28.20 -5.10 -34.00
CA THR C 166 -29.15 -5.20 -32.91
C THR C 166 -30.46 -4.50 -33.26
N ASN C 167 -31.56 -5.02 -32.70
CA ASN C 167 -32.88 -4.43 -32.87
C ASN C 167 -33.09 -3.34 -31.83
N GLY C 168 -34.33 -2.86 -31.69
CA GLY C 168 -34.64 -1.81 -30.74
C GLY C 168 -34.43 -2.20 -29.30
N SER C 169 -34.36 -3.50 -29.00
CA SER C 169 -34.10 -3.97 -27.65
C SER C 169 -32.64 -4.35 -27.44
N GLY C 170 -31.76 -4.00 -28.37
CA GLY C 170 -30.35 -4.29 -28.21
C GLY C 170 -29.97 -5.72 -28.52
N LYS C 171 -30.82 -6.48 -29.19
CA LYS C 171 -30.59 -7.90 -29.40
C LYS C 171 -30.32 -8.20 -30.87
N ALA C 172 -29.31 -9.04 -31.11
CA ALA C 172 -28.96 -9.51 -32.43
C ALA C 172 -28.86 -11.02 -32.38
N THR C 173 -29.32 -11.68 -33.44
CA THR C 173 -29.43 -13.14 -33.43
C THR C 173 -28.71 -13.73 -34.63
N VAL C 174 -28.36 -15.01 -34.47
CA VAL C 174 -27.72 -15.80 -35.52
C VAL C 174 -28.01 -17.25 -35.18
N THR C 175 -27.99 -18.11 -36.19
CA THR C 175 -28.20 -19.54 -35.98
C THR C 175 -26.93 -20.32 -36.31
N LEU C 176 -26.81 -21.48 -35.68
CA LEU C 176 -25.66 -22.36 -35.82
C LEU C 176 -26.16 -23.76 -36.13
N LYS C 177 -25.55 -24.39 -37.12
CA LYS C 177 -25.86 -25.77 -37.50
C LYS C 177 -24.57 -26.51 -37.76
N SER C 178 -24.63 -27.84 -37.70
CA SER C 178 -23.43 -28.62 -37.97
C SER C 178 -23.79 -30.02 -38.45
N ASP C 179 -22.96 -30.53 -39.36
CA ASP C 179 -23.04 -31.92 -39.79
C ASP C 179 -22.06 -32.81 -39.04
N LYS C 180 -21.29 -32.26 -38.10
CA LYS C 180 -20.24 -33.01 -37.42
C LYS C 180 -20.44 -32.95 -35.91
N PRO C 181 -20.37 -34.08 -35.22
CA PRO C 181 -20.52 -34.06 -33.75
C PRO C 181 -19.31 -33.42 -33.08
N GLY C 182 -19.56 -32.77 -31.96
CA GLY C 182 -18.49 -32.16 -31.21
C GLY C 182 -18.98 -30.92 -30.48
N GLN C 183 -18.05 -30.32 -29.74
CA GLN C 183 -18.31 -29.10 -28.99
C GLN C 183 -18.00 -27.91 -29.86
N VAL C 184 -18.78 -26.84 -29.71
CA VAL C 184 -18.59 -25.62 -30.48
C VAL C 184 -18.74 -24.42 -29.55
N VAL C 185 -17.82 -23.49 -29.66
CA VAL C 185 -17.86 -22.22 -28.94
C VAL C 185 -18.02 -21.11 -29.97
N VAL C 186 -19.05 -20.29 -29.82
CA VAL C 186 -19.32 -19.15 -30.67
C VAL C 186 -19.11 -17.89 -29.84
N SER C 187 -18.64 -16.83 -30.50
CA SER C 187 -18.40 -15.56 -29.82
C SER C 187 -19.16 -14.44 -30.53
N ALA C 188 -19.37 -13.36 -29.78
CA ALA C 188 -20.01 -12.15 -30.28
C ALA C 188 -19.20 -10.93 -29.85
N LYS C 189 -19.08 -9.94 -30.74
CA LYS C 189 -18.24 -8.80 -30.45
C LYS C 189 -18.75 -7.56 -31.15
N THR C 190 -18.58 -6.41 -30.50
CA THR C 190 -18.74 -5.10 -31.13
C THR C 190 -17.38 -4.42 -31.24
N ALA C 191 -17.34 -3.37 -32.06
CA ALA C 191 -16.06 -2.77 -32.46
C ALA C 191 -15.25 -2.27 -31.27
N GLU C 192 -15.91 -1.68 -30.27
CA GLU C 192 -15.17 -1.04 -29.17
C GLU C 192 -14.58 -2.06 -28.20
N MET C 193 -15.09 -3.28 -28.16
CA MET C 193 -14.64 -4.24 -27.19
C MET C 193 -13.20 -4.65 -27.45
N THR C 194 -12.50 -5.00 -26.36
CA THR C 194 -11.12 -5.43 -26.50
C THR C 194 -11.05 -6.87 -26.99
N SER C 195 -12.06 -7.68 -26.66
CA SER C 195 -12.11 -9.05 -27.13
C SER C 195 -13.58 -9.48 -27.18
N ALA C 196 -13.83 -10.54 -27.93
CA ALA C 196 -15.19 -11.01 -28.10
C ALA C 196 -15.66 -11.71 -26.83
N LEU C 197 -16.99 -11.77 -26.67
CA LEU C 197 -17.60 -12.49 -25.57
C LEU C 197 -17.98 -13.89 -26.05
N ASN C 198 -17.41 -14.91 -25.40
CA ASN C 198 -17.71 -16.29 -25.77
C ASN C 198 -19.00 -16.74 -25.11
N ALA C 199 -19.87 -17.38 -25.89
CA ALA C 199 -21.00 -18.11 -25.34
C ALA C 199 -20.50 -19.38 -24.68
N ASN C 200 -21.34 -19.95 -23.82
CA ASN C 200 -21.07 -21.28 -23.31
C ASN C 200 -20.99 -22.27 -24.47
N ALA C 201 -20.14 -23.28 -24.31
CA ALA C 201 -20.02 -24.30 -25.35
C ALA C 201 -21.34 -25.04 -25.51
N VAL C 202 -21.65 -25.39 -26.75
CA VAL C 202 -22.77 -26.27 -27.07
C VAL C 202 -22.19 -27.53 -27.71
N ILE C 203 -23.01 -28.57 -27.79
CA ILE C 203 -22.58 -29.86 -28.31
C ILE C 203 -23.54 -30.28 -29.42
N PHE C 204 -22.97 -30.69 -30.55
CA PHE C 204 -23.74 -31.33 -31.61
C PHE C 204 -23.56 -32.83 -31.46
N VAL C 205 -24.65 -33.56 -31.55
CA VAL C 205 -24.69 -34.98 -31.20
C VAL C 205 -25.02 -35.76 -32.45
N ASP C 206 -24.28 -36.85 -32.68
CA ASP C 206 -24.53 -37.75 -33.80
C ASP C 206 -25.56 -38.78 -33.34
N GLN C 207 -26.83 -38.44 -33.54
CA GLN C 207 -27.93 -39.28 -33.07
C GLN C 207 -28.92 -39.56 -34.20
N LYS D 2 -21.02 3.25 -49.83
CA LYS D 2 -21.82 4.46 -49.76
C LYS D 2 -21.94 4.98 -48.33
N GLN D 3 -21.47 4.19 -47.37
CA GLN D 3 -21.40 4.62 -45.98
C GLN D 3 -19.99 5.07 -45.63
N ASP D 4 -19.88 5.83 -44.54
CA ASP D 4 -18.61 6.40 -44.13
C ASP D 4 -17.58 5.30 -43.88
N ILE D 5 -16.35 5.55 -44.30
CA ILE D 5 -15.30 4.54 -44.14
C ILE D 5 -14.62 4.65 -42.78
N LEU D 6 -14.34 5.86 -42.30
CA LEU D 6 -13.61 6.01 -41.05
C LEU D 6 -13.87 7.39 -40.46
N SER D 7 -14.37 7.43 -39.24
CA SER D 7 -14.59 8.68 -38.53
C SER D 7 -14.13 8.56 -37.09
N LEU D 8 -13.68 9.69 -36.55
CA LEU D 8 -13.30 9.81 -35.16
C LEU D 8 -13.97 11.04 -34.59
N ASN D 9 -14.58 10.90 -33.42
CA ASN D 9 -15.16 12.03 -32.71
C ASN D 9 -14.79 11.92 -31.24
N ILE D 10 -14.56 13.08 -30.65
CA ILE D 10 -14.24 13.20 -29.23
C ILE D 10 -15.32 14.09 -28.63
N PRO D 11 -16.39 13.50 -28.07
CA PRO D 11 -17.58 14.28 -27.73
C PRO D 11 -17.39 15.20 -26.54
N HIS D 12 -16.46 14.90 -25.64
CA HIS D 12 -16.35 15.63 -24.38
C HIS D 12 -14.92 16.08 -24.16
N ASP D 13 -14.76 17.35 -23.82
CA ASP D 13 -13.48 17.84 -23.35
C ASP D 13 -13.32 17.46 -21.87
N ILE D 14 -12.10 17.61 -21.38
CA ILE D 14 -11.75 17.16 -20.03
C ILE D 14 -11.46 18.39 -19.19
N ASN D 15 -12.08 18.45 -18.02
CA ASN D 15 -11.78 19.44 -16.99
C ASN D 15 -11.50 18.64 -15.74
N GLY D 16 -10.28 18.74 -15.21
CA GLY D 16 -9.91 17.92 -14.09
C GLY D 16 -8.88 18.57 -13.19
N THR D 17 -8.74 18.00 -12.00
CA THR D 17 -7.81 18.51 -11.02
C THR D 17 -6.38 18.18 -11.43
N GLU D 18 -5.47 19.09 -11.13
CA GLU D 18 -4.06 18.89 -11.44
C GLU D 18 -3.57 17.55 -10.93
N ARG D 19 -2.70 16.91 -11.72
CA ARG D 19 -2.05 15.65 -11.43
C ARG D 19 -2.97 14.44 -11.50
N SER D 20 -4.23 14.61 -11.87
CA SER D 20 -5.16 13.49 -11.93
C SER D 20 -5.02 12.75 -13.26
N THR D 21 -5.55 11.54 -13.29
CA THR D 21 -5.64 10.75 -14.51
C THR D 21 -7.08 10.78 -14.97
N GLN D 22 -7.29 11.11 -16.24
CA GLN D 22 -8.63 11.30 -16.80
C GLN D 22 -8.81 10.39 -18.00
N LYS D 23 -9.85 9.56 -17.98
CA LYS D 23 -10.17 8.72 -19.12
C LYS D 23 -10.63 9.59 -20.28
N ILE D 24 -10.24 9.20 -21.50
CA ILE D 24 -10.63 9.87 -22.73
C ILE D 24 -11.68 9.01 -23.43
N GLN D 25 -12.80 9.62 -23.80
CA GLN D 25 -13.84 8.91 -24.54
C GLN D 25 -13.67 9.21 -26.03
N LEU D 26 -13.38 8.17 -26.81
CA LEU D 26 -13.28 8.26 -28.25
C LEU D 26 -14.44 7.50 -28.87
N ILE D 27 -15.03 8.06 -29.93
CA ILE D 27 -16.10 7.41 -30.68
C ILE D 27 -15.58 7.18 -32.10
N VAL D 28 -15.37 5.92 -32.45
CA VAL D 28 -14.81 5.54 -33.73
C VAL D 28 -15.85 4.77 -34.52
N LYS D 29 -15.93 5.05 -35.82
CA LYS D 29 -16.68 4.23 -36.76
C LYS D 29 -15.72 3.87 -37.87
N SER D 30 -15.54 2.58 -38.11
CA SER D 30 -14.56 2.10 -39.08
C SER D 30 -15.13 0.91 -39.84
N LYS D 31 -15.29 1.07 -41.15
CA LYS D 31 -15.74 -0.05 -41.98
C LYS D 31 -14.74 -1.19 -41.97
N TYR D 32 -13.44 -0.87 -42.02
CA TYR D 32 -12.40 -1.88 -42.21
C TYR D 32 -11.72 -2.29 -40.93
N GLY D 33 -12.04 -1.65 -39.81
CA GLY D 33 -11.45 -2.01 -38.54
C GLY D 33 -10.40 -1.02 -38.09
N LEU D 34 -10.52 -0.55 -36.86
CA LEU D 34 -9.55 0.40 -36.31
C LEU D 34 -8.22 -0.31 -36.10
N ASP D 35 -7.13 0.35 -36.54
CA ASP D 35 -5.78 -0.15 -36.30
C ASP D 35 -5.11 0.54 -35.11
N ARG D 36 -5.18 1.87 -35.03
CA ARG D 36 -4.47 2.60 -34.00
C ARG D 36 -4.95 4.04 -33.99
N ILE D 37 -4.65 4.73 -32.89
CA ILE D 37 -4.81 6.17 -32.73
C ILE D 37 -3.43 6.78 -32.54
N VAL D 38 -3.14 7.83 -33.31
CA VAL D 38 -1.87 8.56 -33.21
C VAL D 38 -2.14 9.92 -32.60
N TRP D 39 -1.43 10.23 -31.52
CA TRP D 39 -1.65 11.45 -30.76
C TRP D 39 -0.51 12.44 -30.93
N ASP D 40 -0.85 13.73 -30.93
CA ASP D 40 0.10 14.80 -30.67
C ASP D 40 -0.30 15.39 -29.31
N ASP D 41 0.41 15.00 -28.26
CA ASP D 41 0.15 15.52 -26.92
C ASP D 41 1.22 16.50 -26.45
N SER D 42 1.91 17.14 -27.39
CA SER D 42 3.04 18.00 -27.04
C SER D 42 2.63 19.08 -26.03
N ALA D 43 1.41 19.60 -26.15
CA ALA D 43 0.98 20.64 -25.20
C ALA D 43 1.02 20.15 -23.77
N LEU D 44 0.52 18.94 -23.52
CA LEU D 44 0.59 18.39 -22.18
C LEU D 44 2.03 18.17 -21.73
N ARG D 45 2.88 17.71 -22.64
CA ARG D 45 4.27 17.40 -22.27
C ARG D 45 5.05 18.66 -21.90
N SER D 46 4.64 19.82 -22.41
CA SER D 46 5.30 21.06 -22.01
C SER D 46 5.25 21.26 -20.51
N GLN D 47 4.25 20.68 -19.84
CA GLN D 47 4.11 20.82 -18.40
C GLN D 47 4.19 19.48 -17.67
N GLY D 48 4.73 18.46 -18.32
CA GLY D 48 4.94 17.20 -17.65
C GLY D 48 3.78 16.24 -17.67
N GLY D 49 2.74 16.54 -18.43
CA GLY D 49 1.65 15.60 -18.62
C GLY D 49 1.84 14.77 -19.89
N GLN D 50 0.86 13.93 -20.16
CA GLN D 50 0.93 13.08 -21.35
C GLN D 50 -0.39 12.39 -21.59
N ILE D 51 -0.55 11.89 -22.84
CA ILE D 51 -1.60 10.94 -23.19
C ILE D 51 -0.93 9.57 -23.25
N GLN D 52 -1.60 8.56 -22.71
CA GLN D 52 -1.07 7.21 -22.72
C GLN D 52 -2.23 6.22 -22.84
N HIS D 53 -1.92 5.02 -23.32
CA HIS D 53 -2.88 3.93 -23.25
C HIS D 53 -3.33 3.70 -21.82
N SER D 54 -4.61 3.37 -21.66
CA SER D 54 -5.15 2.92 -20.38
C SER D 54 -4.58 1.58 -19.94
N GLY D 55 -3.83 0.91 -20.81
CA GLY D 55 -3.22 -0.37 -20.51
C GLY D 55 -4.02 -1.57 -20.92
N SER D 56 -5.21 -1.39 -21.48
CA SER D 56 -5.99 -2.49 -21.99
C SER D 56 -5.48 -2.88 -23.37
N GLN D 57 -5.93 -4.02 -23.88
CA GLN D 57 -5.61 -4.45 -25.23
C GLN D 57 -6.56 -3.85 -26.28
N SER D 58 -7.03 -2.62 -26.05
CA SER D 58 -7.92 -1.91 -26.96
C SER D 58 -7.15 -0.77 -27.60
N ALA D 59 -7.19 -0.71 -28.93
CA ALA D 59 -6.49 0.36 -29.65
C ALA D 59 -7.13 1.73 -29.46
N GLN D 60 -8.29 1.82 -28.81
CA GLN D 60 -8.94 3.12 -28.63
C GLN D 60 -9.08 3.52 -27.16
N ASP D 61 -8.38 2.87 -26.24
CA ASP D 61 -8.49 3.17 -24.81
C ASP D 61 -7.28 3.99 -24.36
N TYR D 62 -7.51 5.27 -24.08
CA TYR D 62 -6.46 6.20 -23.71
C TYR D 62 -6.89 7.03 -22.51
N GLN D 63 -5.90 7.59 -21.85
CA GLN D 63 -6.11 8.47 -20.71
C GLN D 63 -5.10 9.60 -20.73
N ALA D 64 -5.47 10.70 -20.10
CA ALA D 64 -4.59 11.86 -19.97
C ALA D 64 -4.09 11.94 -18.55
N ILE D 65 -2.78 12.14 -18.40
CA ILE D 65 -2.17 12.46 -17.11
C ILE D 65 -2.03 13.97 -17.08
N LEU D 66 -2.78 14.61 -16.18
CA LEU D 66 -2.83 16.07 -16.17
C LEU D 66 -1.61 16.64 -15.44
N PRO D 67 -1.03 17.73 -15.94
CA PRO D 67 0.12 18.32 -15.27
C PRO D 67 -0.29 18.99 -13.96
N ALA D 68 0.74 19.43 -13.24
CA ALA D 68 0.53 20.31 -12.11
C ALA D 68 -0.04 21.65 -12.58
N TYR D 69 -0.77 22.30 -11.70
CA TYR D 69 -1.35 23.60 -12.00
C TYR D 69 -0.27 24.65 -12.12
N VAL D 70 -0.43 25.55 -13.09
CA VAL D 70 0.51 26.64 -13.31
C VAL D 70 -0.13 27.91 -12.78
N GLN D 71 0.44 28.46 -11.70
CA GLN D 71 -0.07 29.68 -11.12
C GLN D 71 0.04 30.83 -12.12
N GLY D 72 -1.09 31.45 -12.43
CA GLY D 72 -1.14 32.51 -13.41
C GLY D 72 -1.02 32.09 -14.86
N GLY D 73 -0.93 30.78 -15.12
CA GLY D 73 -0.69 30.29 -16.47
C GLY D 73 -1.97 29.96 -17.20
N SER D 74 -1.80 29.37 -18.39
CA SER D 74 -2.94 29.03 -19.22
C SER D 74 -3.75 27.90 -18.61
N ASN D 75 -3.09 26.78 -18.30
CA ASN D 75 -3.75 25.59 -17.78
C ASN D 75 -4.75 25.00 -18.76
N VAL D 76 -4.66 25.35 -20.04
CA VAL D 76 -5.44 24.74 -21.10
C VAL D 76 -4.48 24.06 -22.06
N TYR D 77 -4.77 22.81 -22.39
CA TYR D 77 -3.90 21.99 -23.21
C TYR D 77 -4.70 21.43 -24.37
N LYS D 78 -4.26 21.75 -25.59
CA LYS D 78 -4.93 21.30 -26.79
C LYS D 78 -4.11 20.17 -27.41
N VAL D 79 -4.72 19.01 -27.57
CA VAL D 79 -4.06 17.85 -28.13
C VAL D 79 -4.92 17.31 -29.27
N THR D 80 -4.29 16.57 -30.17
CA THR D 80 -4.98 16.07 -31.34
C THR D 80 -4.76 14.58 -31.52
N ALA D 81 -5.78 13.92 -32.07
CA ALA D 81 -5.73 12.49 -32.34
C ALA D 81 -6.21 12.24 -33.76
N ARG D 82 -5.58 11.28 -34.42
CA ARG D 82 -6.02 10.80 -35.73
C ARG D 82 -6.11 9.29 -35.65
N ALA D 83 -7.22 8.73 -36.08
CA ALA D 83 -7.39 7.29 -36.13
C ALA D 83 -6.98 6.76 -37.50
N TYR D 84 -6.42 5.56 -37.53
CA TYR D 84 -6.11 4.84 -38.76
C TYR D 84 -6.80 3.49 -38.72
N ASP D 85 -7.30 3.05 -39.88
CA ASP D 85 -7.89 1.71 -40.03
C ASP D 85 -6.83 0.74 -40.54
N ARG D 86 -7.24 -0.53 -40.70
CA ARG D 86 -6.30 -1.58 -41.09
C ARG D 86 -5.78 -1.43 -42.51
N ASN D 87 -6.44 -0.62 -43.33
CA ASN D 87 -6.07 -0.39 -44.72
C ASN D 87 -5.19 0.86 -44.88
N GLY D 88 -4.95 1.60 -43.81
CA GLY D 88 -4.15 2.80 -43.90
C GLY D 88 -4.92 4.08 -44.08
N ASN D 89 -6.24 4.03 -44.18
CA ASN D 89 -7.02 5.26 -44.19
C ASN D 89 -6.94 5.91 -42.82
N SER D 90 -7.11 7.22 -42.79
CA SER D 90 -7.15 7.96 -41.53
C SER D 90 -8.45 8.72 -41.41
N SER D 91 -8.72 9.16 -40.18
CA SER D 91 -9.83 10.04 -39.86
C SER D 91 -9.36 11.49 -39.98
N ASN D 92 -10.27 12.43 -39.65
CA ASN D 92 -9.87 13.79 -39.40
C ASN D 92 -8.92 13.83 -38.21
N ASN D 93 -8.12 14.90 -38.12
CA ASN D 93 -7.31 15.18 -36.94
C ASN D 93 -8.21 15.93 -35.96
N VAL D 94 -8.54 15.27 -34.84
CA VAL D 94 -9.60 15.72 -33.93
C VAL D 94 -9.03 16.31 -32.66
N LEU D 95 -9.60 17.43 -32.23
CA LEU D 95 -9.11 18.16 -31.07
C LEU D 95 -9.73 17.64 -29.78
N LEU D 96 -8.88 17.51 -28.76
CA LEU D 96 -9.30 17.29 -27.38
C LEU D 96 -8.70 18.43 -26.55
N THR D 97 -9.54 19.10 -25.79
CA THR D 97 -9.11 20.20 -24.92
C THR D 97 -9.15 19.73 -23.48
N ILE D 98 -8.03 19.91 -22.79
CA ILE D 98 -7.88 19.49 -21.40
C ILE D 98 -7.59 20.73 -20.59
N THR D 99 -8.42 21.01 -19.59
CA THR D 99 -8.25 22.15 -18.71
C THR D 99 -7.96 21.65 -17.31
N VAL D 100 -6.95 22.25 -16.67
CA VAL D 100 -6.46 21.81 -15.37
C VAL D 100 -6.86 22.85 -14.32
N LEU D 101 -7.46 22.38 -13.24
CA LEU D 101 -7.78 23.21 -12.08
C LEU D 101 -6.86 22.87 -10.92
N SER D 102 -6.64 23.85 -10.04
CA SER D 102 -5.74 23.63 -8.93
C SER D 102 -6.40 22.79 -7.85
N ASN D 103 -5.58 22.27 -6.92
CA ASN D 103 -6.11 21.50 -5.80
C ASN D 103 -6.96 22.34 -4.86
N GLY D 104 -6.98 23.65 -5.02
CA GLY D 104 -7.85 24.53 -4.27
C GLY D 104 -9.08 25.00 -5.01
N GLN D 105 -9.30 24.52 -6.23
CA GLN D 105 -10.43 24.90 -7.07
C GLN D 105 -11.34 23.69 -7.28
N VAL D 106 -12.54 23.93 -7.81
CA VAL D 106 -13.57 22.92 -7.98
C VAL D 106 -14.01 22.85 -9.43
N VAL D 107 -13.96 21.63 -10.01
CA VAL D 107 -14.37 21.44 -11.40
C VAL D 107 -15.85 21.80 -11.56
N ASP D 108 -16.15 22.55 -12.62
CA ASP D 108 -17.50 22.97 -13.03
C ASP D 108 -18.12 24.02 -12.11
N GLN D 109 -17.40 24.50 -11.12
CA GLN D 109 -17.94 25.48 -10.18
C GLN D 109 -17.70 26.88 -10.69
N VAL D 110 -18.71 27.75 -10.52
CA VAL D 110 -18.55 29.19 -10.70
C VAL D 110 -17.98 29.71 -9.40
N GLY D 111 -16.68 30.00 -9.36
CA GLY D 111 -16.01 30.30 -8.12
C GLY D 111 -14.95 31.37 -8.25
N VAL D 112 -14.66 31.99 -7.12
CA VAL D 112 -13.57 32.96 -7.03
C VAL D 112 -12.26 32.20 -7.06
N THR D 113 -11.44 32.48 -8.07
CA THR D 113 -10.13 31.85 -8.19
C THR D 113 -9.01 32.73 -7.67
N ASP D 114 -9.21 34.04 -7.64
CA ASP D 114 -8.18 34.98 -7.21
C ASP D 114 -8.85 36.14 -6.48
N PHE D 115 -8.20 36.61 -5.43
CA PHE D 115 -8.72 37.75 -4.66
C PHE D 115 -7.51 38.49 -4.11
N THR D 116 -7.20 39.62 -4.71
CA THR D 116 -5.98 40.35 -4.44
C THR D 116 -6.26 41.81 -4.17
N ALA D 117 -5.35 42.42 -3.43
CA ALA D 117 -5.40 43.85 -3.11
C ALA D 117 -4.34 44.59 -3.90
N ASP D 118 -4.61 45.86 -4.18
CA ASP D 118 -3.68 46.71 -4.93
C ASP D 118 -2.53 47.22 -4.08
N LYS D 119 -2.60 47.09 -2.76
CA LYS D 119 -1.57 47.56 -1.85
C LYS D 119 -1.45 46.58 -0.69
N THR D 120 -0.26 46.51 -0.10
CA THR D 120 -0.05 45.69 1.08
C THR D 120 -0.23 46.47 2.36
N SER D 121 -0.20 47.80 2.29
CA SER D 121 -0.34 48.62 3.48
C SER D 121 -0.99 49.94 3.08
N ALA D 122 -1.63 50.58 4.07
CA ALA D 122 -2.27 51.87 3.84
C ALA D 122 -2.32 52.63 5.16
N LYS D 123 -2.55 53.93 5.07
CA LYS D 123 -2.64 54.75 6.27
C LYS D 123 -3.93 54.45 7.03
N ALA D 124 -3.81 54.37 8.35
CA ALA D 124 -4.95 54.13 9.24
C ALA D 124 -5.69 55.42 9.54
N ASP D 125 -6.05 56.18 8.51
CA ASP D 125 -6.74 57.45 8.67
C ASP D 125 -8.20 57.37 8.26
N GLY D 126 -8.73 56.17 8.03
CA GLY D 126 -10.10 56.04 7.59
C GLY D 126 -10.37 56.62 6.23
N THR D 127 -9.32 56.94 5.45
CA THR D 127 -9.48 57.62 4.19
C THR D 127 -8.78 56.87 3.06
N GLU D 128 -7.54 56.44 3.28
CA GLU D 128 -6.84 55.72 2.23
C GLU D 128 -7.50 54.37 1.98
N ALA D 129 -7.79 54.08 0.72
CA ALA D 129 -8.50 52.87 0.33
C ALA D 129 -7.52 51.81 -0.17
N ILE D 130 -7.74 50.59 0.27
CA ILE D 130 -7.13 49.42 -0.36
C ILE D 130 -8.22 48.79 -1.21
N THR D 131 -7.94 48.60 -2.50
CA THR D 131 -8.93 48.10 -3.44
C THR D 131 -8.63 46.63 -3.74
N TYR D 132 -9.66 45.81 -3.59
CA TYR D 132 -9.56 44.38 -3.82
C TYR D 132 -10.29 44.01 -5.11
N THR D 133 -9.74 43.03 -5.83
CA THR D 133 -10.32 42.52 -7.07
C THR D 133 -10.50 41.03 -6.93
N ALA D 134 -11.72 40.56 -7.12
CA ALA D 134 -12.04 39.14 -7.16
C ALA D 134 -12.22 38.75 -8.62
N THR D 135 -11.62 37.64 -9.01
CA THR D 135 -11.81 37.07 -10.34
C THR D 135 -12.62 35.79 -10.19
N VAL D 136 -13.69 35.68 -10.98
CA VAL D 136 -14.60 34.53 -10.95
C VAL D 136 -14.46 33.78 -12.25
N LYS D 137 -14.21 32.47 -12.16
CA LYS D 137 -14.08 31.62 -13.32
C LYS D 137 -14.84 30.33 -13.09
N LYS D 138 -15.14 29.66 -14.21
CA LYS D 138 -15.62 28.29 -14.24
C LYS D 138 -14.69 27.53 -15.18
N ASN D 139 -13.97 26.55 -14.66
CA ASN D 139 -13.03 25.79 -15.47
C ASN D 139 -12.11 26.74 -16.23
N GLY D 140 -11.63 27.76 -15.53
CA GLY D 140 -10.65 28.69 -16.07
C GLY D 140 -11.19 29.79 -16.95
N VAL D 141 -12.50 29.84 -17.20
CA VAL D 141 -13.10 30.82 -18.10
C VAL D 141 -13.82 31.87 -17.26
N ALA D 142 -13.46 33.13 -17.45
CA ALA D 142 -14.04 34.21 -16.68
C ALA D 142 -15.56 34.26 -16.87
N GLN D 143 -16.27 34.54 -15.78
CA GLN D 143 -17.73 34.54 -15.74
C GLN D 143 -18.24 35.96 -15.49
N ALA D 144 -19.12 36.42 -16.36
CA ALA D 144 -19.63 37.79 -16.32
C ALA D 144 -20.92 37.88 -15.53
N ASN D 145 -21.10 39.03 -14.88
N ASN D 145 -21.09 39.01 -14.83
CA ASN D 145 -22.34 39.35 -14.18
CA ASN D 145 -22.34 39.38 -14.17
C ASN D 145 -22.66 38.30 -13.10
C ASN D 145 -22.67 38.48 -12.98
N VAL D 146 -21.66 37.95 -12.32
CA VAL D 146 -21.83 37.04 -11.18
C VAL D 146 -21.67 37.82 -9.89
N PRO D 147 -22.61 37.73 -8.95
CA PRO D 147 -22.46 38.43 -7.65
C PRO D 147 -21.39 37.80 -6.78
N VAL D 148 -20.54 38.64 -6.20
CA VAL D 148 -19.49 38.22 -5.29
C VAL D 148 -19.75 38.89 -3.94
N SER D 149 -19.73 38.10 -2.87
CA SER D 149 -19.90 38.62 -1.51
C SER D 149 -18.55 38.85 -0.86
N PHE D 150 -18.42 39.97 -0.15
CA PHE D 150 -17.18 40.37 0.50
C PHE D 150 -17.43 40.46 2.00
N ASN D 151 -16.48 39.96 2.79
N ASN D 151 -16.45 40.02 2.79
CA ASN D 151 -16.59 40.03 4.23
CA ASN D 151 -16.58 39.91 4.24
C ASN D 151 -15.21 40.25 4.83
C ASN D 151 -15.23 40.10 4.91
N ILE D 152 -15.20 40.86 6.00
CA ILE D 152 -13.98 41.02 6.79
C ILE D 152 -13.89 39.83 7.74
N VAL D 153 -12.85 39.02 7.57
CA VAL D 153 -12.66 37.82 8.36
C VAL D 153 -12.07 38.15 9.73
N SER D 154 -11.11 39.07 9.76
CA SER D 154 -10.47 39.45 11.00
C SER D 154 -9.93 40.85 10.84
N GLY D 155 -9.81 41.55 11.96
CA GLY D 155 -9.35 42.93 11.99
C GLY D 155 -10.49 43.92 12.01
N THR D 156 -10.11 45.19 12.16
CA THR D 156 -11.04 46.30 12.34
C THR D 156 -10.92 47.22 11.12
N ALA D 157 -11.98 47.30 10.31
CA ALA D 157 -11.98 48.08 9.09
C ALA D 157 -13.41 48.19 8.58
N VAL D 158 -13.57 48.85 7.44
CA VAL D 158 -14.88 49.06 6.83
C VAL D 158 -14.78 48.78 5.33
N LEU D 159 -15.69 47.93 4.82
CA LEU D 159 -15.82 47.66 3.41
C LEU D 159 -16.79 48.64 2.77
N SER D 160 -16.48 49.04 1.54
CA SER D 160 -17.35 49.96 0.82
C SER D 160 -18.68 49.34 0.47
N ALA D 161 -18.73 48.01 0.36
CA ALA D 161 -19.96 47.29 0.02
C ALA D 161 -19.78 45.84 0.45
N ASN D 162 -20.91 45.17 0.66
N ASN D 162 -20.90 45.14 0.60
CA ASN D 162 -20.95 43.77 1.01
CA ASN D 162 -20.87 43.73 0.94
C ASN D 162 -20.92 42.85 -0.22
C ASN D 162 -21.04 42.83 -0.27
N SER D 163 -21.09 43.41 -1.42
N SER D 163 -21.22 43.40 -1.47
CA SER D 163 -21.14 42.60 -2.62
CA SER D 163 -21.38 42.60 -2.67
C SER D 163 -20.96 43.50 -3.84
C SER D 163 -21.16 43.47 -3.89
N ALA D 164 -20.65 42.86 -4.96
CA ALA D 164 -20.54 43.53 -6.25
C ALA D 164 -20.59 42.45 -7.32
N ASN D 165 -21.04 42.81 -8.52
CA ASN D 165 -21.14 41.87 -9.63
C ASN D 165 -19.91 41.95 -10.52
N THR D 166 -19.48 40.81 -11.03
CA THR D 166 -18.34 40.80 -11.94
C THR D 166 -18.71 41.49 -13.24
N ASN D 167 -17.70 42.11 -13.87
CA ASN D 167 -17.86 42.73 -15.17
C ASN D 167 -17.69 41.70 -16.27
N GLY D 168 -17.62 42.15 -17.52
CA GLY D 168 -17.48 41.22 -18.62
C GLY D 168 -16.19 40.42 -18.60
N SER D 169 -15.19 40.86 -17.84
CA SER D 169 -13.93 40.15 -17.70
C SER D 169 -13.86 39.31 -16.44
N GLY D 170 -14.98 39.14 -15.74
CA GLY D 170 -15.03 38.30 -14.57
C GLY D 170 -14.52 38.93 -13.30
N LYS D 171 -14.38 40.26 -13.25
CA LYS D 171 -13.74 40.92 -12.14
C LYS D 171 -14.76 41.75 -11.37
N ALA D 172 -14.72 41.65 -10.04
CA ALA D 172 -15.54 42.43 -9.13
C ALA D 172 -14.64 43.05 -8.09
N THR D 173 -14.94 44.30 -7.70
CA THR D 173 -14.05 45.04 -6.82
C THR D 173 -14.80 45.58 -5.60
N VAL D 174 -14.01 45.90 -4.57
CA VAL D 174 -14.51 46.50 -3.34
C VAL D 174 -13.32 47.24 -2.73
N THR D 175 -13.60 48.23 -1.87
CA THR D 175 -12.55 48.97 -1.18
C THR D 175 -12.65 48.77 0.32
N LEU D 176 -11.51 48.93 0.99
CA LEU D 176 -11.36 48.73 2.43
C LEU D 176 -10.62 49.93 3.00
N LYS D 177 -11.13 50.47 4.11
CA LYS D 177 -10.49 51.58 4.80
C LYS D 177 -10.54 51.29 6.30
N SER D 178 -9.66 51.94 7.06
CA SER D 178 -9.67 51.75 8.50
C SER D 178 -9.07 52.93 9.22
N ASP D 179 -9.62 53.22 10.40
CA ASP D 179 -9.09 54.21 11.33
C ASP D 179 -8.19 53.61 12.40
N LYS D 180 -7.93 52.31 12.36
CA LYS D 180 -7.19 51.64 13.41
C LYS D 180 -5.98 50.91 12.84
N PRO D 181 -4.80 51.05 13.44
CA PRO D 181 -3.65 50.26 12.98
C PRO D 181 -3.86 48.80 13.26
N GLY D 182 -3.40 47.96 12.34
CA GLY D 182 -3.52 46.53 12.51
C GLY D 182 -3.68 45.83 11.19
N GLN D 183 -3.78 44.51 11.28
CA GLN D 183 -3.94 43.64 10.13
C GLN D 183 -5.40 43.35 9.86
N VAL D 184 -5.74 43.20 8.58
CA VAL D 184 -7.11 42.89 8.17
C VAL D 184 -7.06 41.80 7.10
N VAL D 185 -7.94 40.81 7.23
CA VAL D 185 -8.13 39.77 6.22
C VAL D 185 -9.55 39.90 5.67
N VAL D 186 -9.68 40.05 4.36
CA VAL D 186 -10.95 40.13 3.66
C VAL D 186 -11.11 38.88 2.82
N SER D 187 -12.36 38.43 2.66
CA SER D 187 -12.66 37.26 1.86
C SER D 187 -13.67 37.59 0.77
N ALA D 188 -13.69 36.74 -0.25
CA ALA D 188 -14.61 36.86 -1.38
C ALA D 188 -15.24 35.49 -1.66
N LYS D 189 -16.53 35.51 -2.02
CA LYS D 189 -17.25 34.25 -2.19
C LYS D 189 -18.36 34.41 -3.22
N THR D 190 -18.59 33.36 -3.98
CA THR D 190 -19.77 33.24 -4.83
C THR D 190 -20.70 32.20 -4.24
N ALA D 191 -21.94 32.21 -4.74
CA ALA D 191 -22.99 31.40 -4.13
C ALA D 191 -22.64 29.92 -4.13
N GLU D 192 -22.01 29.43 -5.19
CA GLU D 192 -21.77 27.99 -5.29
C GLU D 192 -20.64 27.51 -4.39
N MET D 193 -19.74 28.40 -3.99
CA MET D 193 -18.58 27.97 -3.22
C MET D 193 -19.02 27.47 -1.86
N THR D 194 -18.24 26.53 -1.33
CA THR D 194 -18.55 25.98 0.00
C THR D 194 -18.03 26.90 1.10
N SER D 195 -16.98 27.67 0.82
CA SER D 195 -16.46 28.64 1.77
C SER D 195 -15.75 29.74 0.99
N ALA D 196 -15.55 30.87 1.65
CA ALA D 196 -14.96 32.01 1.00
C ALA D 196 -13.45 31.85 0.81
N LEU D 197 -12.90 32.58 -0.15
CA LEU D 197 -11.45 32.68 -0.37
C LEU D 197 -10.89 33.92 0.34
N ASN D 198 -9.93 33.71 1.25
CA ASN D 198 -9.30 34.81 1.95
C ASN D 198 -8.18 35.43 1.12
N ALA D 199 -8.16 36.77 1.06
CA ALA D 199 -7.01 37.48 0.54
C ALA D 199 -5.87 37.44 1.54
N ASN D 200 -4.66 37.73 1.06
CA ASN D 200 -3.53 37.96 1.94
C ASN D 200 -3.89 39.09 2.90
N ALA D 201 -3.39 38.97 4.13
CA ALA D 201 -3.58 40.06 5.10
C ALA D 201 -2.94 41.34 4.57
N VAL D 202 -3.59 42.46 4.90
CA VAL D 202 -3.04 43.79 4.66
C VAL D 202 -2.88 44.48 6.02
N ILE D 203 -2.12 45.57 6.02
CA ILE D 203 -1.80 46.29 7.26
C ILE D 203 -2.19 47.75 7.10
N PHE D 204 -2.87 48.28 8.10
CA PHE D 204 -3.10 49.72 8.22
C PHE D 204 -2.12 50.27 9.24
N VAL D 205 -1.47 51.38 8.90
CA VAL D 205 -0.36 51.91 9.69
C VAL D 205 -0.74 53.29 10.21
N ASP D 206 -0.53 53.50 11.51
CA ASP D 206 -0.79 54.80 12.14
C ASP D 206 0.48 55.64 12.11
N GLN D 207 0.78 56.18 10.94
CA GLN D 207 1.95 57.04 10.77
C GLN D 207 1.68 58.14 9.76
N ILE E 5 0.62 -7.85 -28.14
CA ILE E 5 1.71 -8.80 -27.98
C ILE E 5 2.35 -8.68 -26.60
N LEU E 6 2.57 -7.46 -26.13
CA LEU E 6 3.28 -7.28 -24.86
C LEU E 6 2.94 -5.90 -24.32
N SER E 7 2.43 -5.86 -23.10
CA SER E 7 2.11 -4.60 -22.42
C SER E 7 2.58 -4.66 -20.98
N LEU E 8 2.98 -3.48 -20.48
CA LEU E 8 3.36 -3.31 -19.08
C LEU E 8 2.62 -2.11 -18.54
N ASN E 9 2.00 -2.27 -17.38
CA ASN E 9 1.29 -1.21 -16.69
C ASN E 9 1.75 -1.19 -15.24
N ILE E 10 1.99 0.02 -14.73
CA ILE E 10 2.35 0.23 -13.33
C ILE E 10 1.20 1.01 -12.71
N PRO E 11 0.23 0.35 -12.08
CA PRO E 11 -1.02 1.04 -11.73
C PRO E 11 -0.85 2.11 -10.67
N HIS E 12 0.14 1.98 -9.78
CA HIS E 12 0.24 2.86 -8.63
C HIS E 12 1.65 3.39 -8.48
N ASP E 13 1.78 4.70 -8.30
CA ASP E 13 3.04 5.27 -7.88
C ASP E 13 3.23 5.04 -6.39
N ILE E 14 4.44 5.30 -5.90
CA ILE E 14 4.82 4.98 -4.53
C ILE E 14 5.05 6.27 -3.75
N ASN E 15 4.44 6.34 -2.57
CA ASN E 15 4.70 7.40 -1.59
C ASN E 15 5.02 6.67 -0.30
N GLY E 16 6.23 6.85 0.21
CA GLY E 16 6.66 6.07 1.36
C GLY E 16 7.70 6.80 2.20
N THR E 17 7.90 6.25 3.39
CA THR E 17 8.85 6.82 4.32
C THR E 17 10.28 6.54 3.90
N GLU E 18 11.15 7.50 4.15
CA GLU E 18 12.57 7.36 3.83
C GLU E 18 13.14 6.06 4.39
N ARG E 19 13.99 5.42 3.59
CA ARG E 19 14.71 4.19 3.93
C ARG E 19 13.85 2.94 3.95
N SER E 20 12.55 3.04 3.67
CA SER E 20 11.70 1.87 3.68
C SER E 20 11.87 1.05 2.40
N THR E 21 11.41 -0.19 2.47
CA THR E 21 11.35 -1.07 1.32
C THR E 21 9.90 -1.10 0.87
N GLN E 22 9.67 -0.81 -0.41
CA GLN E 22 8.33 -0.67 -0.96
C GLN E 22 8.19 -1.65 -2.13
N LYS E 23 7.28 -2.60 -1.98
CA LYS E 23 7.02 -3.55 -3.06
C LYS E 23 6.36 -2.82 -4.22
N ILE E 24 6.74 -3.20 -5.44
CA ILE E 24 6.24 -2.58 -6.65
C ILE E 24 5.25 -3.53 -7.31
N GLN E 25 4.08 -3.02 -7.65
CA GLN E 25 3.06 -3.79 -8.35
C GLN E 25 3.18 -3.53 -9.84
N LEU E 26 3.46 -4.58 -10.60
CA LEU E 26 3.49 -4.54 -12.06
C LEU E 26 2.35 -5.42 -12.56
N ILE E 27 1.74 -5.00 -13.67
CA ILE E 27 0.74 -5.81 -14.37
C ILE E 27 1.31 -6.09 -15.75
N VAL E 28 1.69 -7.33 -15.99
CA VAL E 28 2.30 -7.75 -17.24
C VAL E 28 1.38 -8.75 -17.91
N LYS E 29 1.12 -8.52 -19.19
CA LYS E 29 0.39 -9.48 -20.03
C LYS E 29 1.22 -9.73 -21.27
N SER E 30 1.60 -10.99 -21.49
CA SER E 30 2.58 -11.35 -22.51
C SER E 30 2.05 -12.54 -23.31
N LYS E 31 1.84 -12.33 -24.60
CA LYS E 31 1.41 -13.44 -25.46
C LYS E 31 2.46 -14.55 -25.49
N TYR E 32 3.74 -14.18 -25.55
CA TYR E 32 4.81 -15.15 -25.73
C TYR E 32 5.48 -15.54 -24.43
N GLY E 33 5.13 -14.90 -23.31
CA GLY E 33 5.69 -15.23 -22.02
C GLY E 33 6.71 -14.21 -21.54
N LEU E 34 6.55 -13.73 -20.31
CA LEU E 34 7.48 -12.74 -19.78
C LEU E 34 8.84 -13.36 -19.53
N ASP E 35 9.89 -12.68 -20.00
CA ASP E 35 11.25 -13.07 -19.72
C ASP E 35 11.84 -12.28 -18.55
N ARG E 36 11.67 -10.96 -18.55
CA ARG E 36 12.34 -10.14 -17.55
C ARG E 36 11.80 -8.72 -17.60
N ILE E 37 12.13 -7.97 -16.55
CA ILE E 37 11.94 -6.52 -16.48
C ILE E 37 13.32 -5.91 -16.36
N VAL E 38 13.57 -4.84 -17.12
N VAL E 38 13.60 -4.88 -17.16
CA VAL E 38 14.82 -4.10 -17.09
CA VAL E 38 14.83 -4.11 -17.05
C VAL E 38 14.53 -2.69 -16.59
C VAL E 38 14.50 -2.73 -16.55
N TRP E 39 15.28 -2.24 -15.60
CA TRP E 39 15.02 -0.97 -14.93
C TRP E 39 16.14 0.04 -15.13
N ASP E 40 15.76 1.30 -15.28
CA ASP E 40 16.65 2.44 -15.10
C ASP E 40 16.20 3.09 -13.79
N ASP E 41 16.95 2.82 -12.72
CA ASP E 41 16.70 3.38 -11.41
C ASP E 41 17.74 4.43 -11.02
N SER E 42 18.38 5.04 -12.03
N SER E 42 18.40 5.03 -12.02
CA SER E 42 19.47 5.98 -11.76
CA SER E 42 19.48 5.97 -11.72
C SER E 42 19.03 7.13 -10.85
C SER E 42 19.00 7.07 -10.77
N ALA E 43 17.77 7.54 -10.94
CA ALA E 43 17.31 8.64 -10.08
C ALA E 43 17.32 8.25 -8.60
N LEU E 44 16.88 7.04 -8.27
CA LEU E 44 16.97 6.59 -6.89
C LEU E 44 18.41 6.48 -6.46
N ARG E 45 19.29 6.02 -7.36
CA ARG E 45 20.69 5.82 -7.01
C ARG E 45 21.40 7.14 -6.74
N SER E 46 20.91 8.25 -7.32
CA SER E 46 21.50 9.55 -7.06
C SER E 46 21.46 9.89 -5.57
N GLN E 47 20.54 9.29 -4.81
CA GLN E 47 20.43 9.49 -3.37
C GLN E 47 20.62 8.22 -2.57
N GLY E 48 21.20 7.18 -3.17
CA GLY E 48 21.54 5.98 -2.43
C GLY E 48 20.44 4.93 -2.34
N GLY E 49 19.33 5.11 -3.05
CA GLY E 49 18.30 4.10 -3.13
C GLY E 49 18.49 3.23 -4.37
N GLN E 50 17.56 2.31 -4.57
CA GLN E 50 17.66 1.40 -5.71
C GLN E 50 16.38 0.62 -5.89
N ILE E 51 16.23 0.06 -7.08
CA ILE E 51 15.26 -0.98 -7.36
C ILE E 51 16.01 -2.30 -7.37
N GLN E 52 15.42 -3.34 -6.79
CA GLN E 52 16.06 -4.65 -6.78
C GLN E 52 14.97 -5.73 -6.80
N HIS E 53 15.35 -6.92 -7.22
N HIS E 53 15.36 -6.91 -7.26
CA HIS E 53 14.42 -8.04 -7.23
CA HIS E 53 14.49 -8.05 -7.15
C HIS E 53 14.18 -8.51 -5.80
C HIS E 53 14.10 -8.25 -5.68
N SER E 54 12.90 -8.76 -5.48
CA SER E 54 12.50 -9.14 -4.12
C SER E 54 13.02 -10.50 -3.71
N GLY E 55 13.54 -11.30 -4.65
CA GLY E 55 14.07 -12.61 -4.35
C GLY E 55 13.09 -13.76 -4.50
N SER E 56 11.86 -13.51 -4.93
CA SER E 56 10.89 -14.57 -5.11
C SER E 56 11.16 -15.30 -6.44
N GLN E 57 10.26 -16.22 -6.79
CA GLN E 57 10.37 -16.97 -8.03
C GLN E 57 9.77 -16.24 -9.23
N SER E 58 9.11 -15.12 -9.00
CA SER E 58 8.43 -14.38 -10.07
C SER E 58 9.38 -13.37 -10.69
N ALA E 59 9.50 -13.42 -12.01
CA ALA E 59 10.37 -12.50 -12.74
C ALA E 59 9.86 -11.05 -12.70
N GLN E 60 8.67 -10.81 -12.14
CA GLN E 60 8.13 -9.46 -12.08
C GLN E 60 8.03 -8.93 -10.65
N ASP E 61 8.74 -9.56 -9.71
N ASP E 61 8.72 -9.57 -9.71
CA ASP E 61 8.66 -9.18 -8.29
CA ASP E 61 8.67 -9.18 -8.30
C ASP E 61 9.85 -8.30 -7.95
C ASP E 61 9.87 -8.29 -7.99
N TYR E 62 9.60 -7.00 -7.85
CA TYR E 62 10.64 -6.02 -7.54
C TYR E 62 10.19 -5.17 -6.37
N GLN E 63 11.18 -4.51 -5.75
CA GLN E 63 10.91 -3.60 -4.65
C GLN E 63 11.88 -2.43 -4.77
N ALA E 64 11.47 -1.29 -4.21
CA ALA E 64 12.29 -0.08 -4.17
C ALA E 64 12.79 0.14 -2.75
N ILE E 65 14.08 0.40 -2.62
CA ILE E 65 14.68 0.85 -1.37
C ILE E 65 14.74 2.37 -1.47
N LEU E 66 13.99 3.03 -0.62
CA LEU E 66 13.86 4.48 -0.73
C LEU E 66 15.06 5.17 -0.08
N PRO E 67 15.57 6.24 -0.67
CA PRO E 67 16.69 6.96 -0.06
C PRO E 67 16.27 7.70 1.20
N ALA E 68 17.28 8.24 1.88
CA ALA E 68 17.05 9.15 2.98
C ALA E 68 16.36 10.42 2.48
N TYR E 69 15.56 11.03 3.35
CA TYR E 69 14.88 12.27 3.03
C TYR E 69 15.89 13.40 2.89
N VAL E 70 15.69 14.26 1.90
CA VAL E 70 16.53 15.43 1.67
C VAL E 70 15.77 16.66 2.15
N GLN E 71 16.20 17.27 3.25
CA GLN E 71 15.54 18.48 3.73
C GLN E 71 15.71 19.59 2.72
N GLY E 72 14.59 20.17 2.28
CA GLY E 72 14.59 21.19 1.26
C GLY E 72 14.77 20.68 -0.16
N GLY E 73 14.89 19.37 -0.34
CA GLY E 73 15.13 18.80 -1.66
C GLY E 73 13.86 18.37 -2.35
N SER E 74 14.05 17.77 -3.53
CA SER E 74 12.91 17.34 -4.33
C SER E 74 12.19 16.16 -3.68
N ASN E 75 12.94 15.11 -3.35
CA ASN E 75 12.40 13.87 -2.78
C ASN E 75 11.44 13.15 -3.71
N VAL E 76 11.49 13.45 -5.00
CA VAL E 76 10.73 12.74 -6.01
C VAL E 76 11.71 12.09 -6.98
N TYR E 77 11.50 10.80 -7.26
CA TYR E 77 12.42 10.00 -8.05
C TYR E 77 11.64 9.30 -9.14
N LYS E 78 11.99 9.56 -10.38
CA LYS E 78 11.31 8.96 -11.53
C LYS E 78 12.20 7.87 -12.13
N VAL E 79 11.67 6.64 -12.19
CA VAL E 79 12.39 5.49 -12.70
C VAL E 79 11.54 4.84 -13.79
N THR E 80 12.19 4.01 -14.61
CA THR E 80 11.50 3.40 -15.74
C THR E 80 11.75 1.90 -15.78
N ALA E 81 10.74 1.17 -16.24
CA ALA E 81 10.78 -0.26 -16.39
C ALA E 81 10.32 -0.66 -17.78
N ARG E 82 10.99 -1.66 -18.35
CA ARG E 82 10.63 -2.19 -19.65
C ARG E 82 10.54 -3.71 -19.53
N ALA E 83 9.44 -4.29 -19.97
CA ALA E 83 9.32 -5.74 -19.99
C ALA E 83 9.79 -6.29 -21.33
N TYR E 84 10.39 -7.47 -21.27
CA TYR E 84 10.75 -8.22 -22.47
C TYR E 84 10.07 -9.57 -22.40
N ASP E 85 9.63 -10.05 -23.57
CA ASP E 85 9.06 -11.37 -23.69
C ASP E 85 10.14 -12.35 -24.15
N ARG E 86 9.76 -13.63 -24.25
CA ARG E 86 10.71 -14.66 -24.61
C ARG E 86 11.20 -14.56 -26.05
N ASN E 87 10.54 -13.77 -26.89
CA ASN E 87 10.97 -13.55 -28.27
C ASN E 87 11.89 -12.34 -28.43
N GLY E 88 12.15 -11.61 -27.35
CA GLY E 88 13.01 -10.45 -27.41
C GLY E 88 12.30 -9.14 -27.68
N ASN E 89 10.98 -9.18 -27.91
CA ASN E 89 10.23 -7.95 -28.01
C ASN E 89 10.12 -7.29 -26.64
N SER E 90 9.95 -5.98 -26.66
CA SER E 90 9.80 -5.24 -25.42
C SER E 90 8.49 -4.45 -25.43
N SER E 91 8.15 -3.99 -24.23
CA SER E 91 7.03 -3.08 -23.99
C SER E 91 7.52 -1.64 -24.12
N ASN E 92 6.61 -0.69 -23.90
CA ASN E 92 7.01 0.68 -23.65
C ASN E 92 7.88 0.75 -22.39
N ASN E 93 8.65 1.82 -22.28
CA ASN E 93 9.41 2.10 -21.08
C ASN E 93 8.48 2.89 -20.16
N VAL E 94 8.04 2.26 -19.07
CA VAL E 94 6.92 2.76 -18.26
C VAL E 94 7.48 3.46 -17.02
N LEU E 95 6.92 4.63 -16.71
CA LEU E 95 7.40 5.46 -15.63
C LEU E 95 6.79 5.04 -14.30
N LEU E 96 7.64 4.97 -13.28
CA LEU E 96 7.23 4.82 -11.89
C LEU E 96 7.78 6.00 -11.11
N THR E 97 6.91 6.68 -10.38
CA THR E 97 7.31 7.84 -9.58
C THR E 97 7.31 7.45 -8.10
N ILE E 98 8.41 7.72 -7.42
CA ILE E 98 8.60 7.36 -6.03
C ILE E 98 8.84 8.66 -5.27
N THR E 99 7.99 8.92 -4.27
CA THR E 99 8.10 10.12 -3.46
C THR E 99 8.44 9.71 -2.04
N VAL E 100 9.43 10.36 -1.45
CA VAL E 100 9.97 10.00 -0.14
C VAL E 100 9.54 11.05 0.86
N LEU E 101 8.94 10.61 1.95
CA LEU E 101 8.59 11.46 3.08
C LEU E 101 9.54 11.17 4.23
N SER E 102 9.69 12.16 5.11
CA SER E 102 10.58 11.97 6.25
C SER E 102 9.91 11.09 7.31
N ASN E 103 10.74 10.60 8.23
CA ASN E 103 10.23 9.80 9.34
C ASN E 103 9.11 10.49 10.11
N GLY E 104 9.16 11.80 10.19
CA GLY E 104 8.18 12.57 10.94
C GLY E 104 6.94 12.97 10.20
N GLN E 105 6.76 12.54 8.95
CA GLN E 105 5.64 12.93 8.13
C GLN E 105 4.73 11.71 7.89
N VAL E 106 3.51 11.99 7.45
CA VAL E 106 2.47 10.96 7.30
C VAL E 106 2.04 10.91 5.84
N VAL E 107 2.12 9.73 5.25
CA VAL E 107 1.71 9.55 3.86
C VAL E 107 0.24 9.91 3.71
N ASP E 108 -0.07 10.69 2.66
CA ASP E 108 -1.42 11.09 2.26
C ASP E 108 -2.06 12.12 3.20
N GLN E 109 -1.35 12.61 4.20
CA GLN E 109 -1.91 13.57 5.15
C GLN E 109 -1.64 14.98 4.65
N VAL E 110 -2.64 15.86 4.81
CA VAL E 110 -2.45 17.29 4.62
C VAL E 110 -1.90 17.83 5.93
N GLY E 111 -0.59 18.10 5.99
CA GLY E 111 0.05 18.44 7.25
C GLY E 111 1.14 19.47 7.10
N VAL E 112 1.44 20.10 8.23
CA VAL E 112 2.56 21.03 8.31
C VAL E 112 3.86 20.22 8.29
N THR E 113 4.69 20.48 7.29
CA THR E 113 5.99 19.81 7.19
C THR E 113 7.14 20.64 7.73
N ASP E 114 7.00 21.96 7.78
CA ASP E 114 8.07 22.85 8.22
C ASP E 114 7.42 24.02 8.95
N PHE E 115 8.07 24.46 10.03
CA PHE E 115 7.59 25.62 10.79
C PHE E 115 8.85 26.27 11.37
N THR E 116 9.24 27.40 10.77
CA THR E 116 10.52 28.02 11.07
C THR E 116 10.33 29.50 11.36
N ALA E 117 11.26 30.05 12.13
CA ALA E 117 11.27 31.47 12.48
C ALA E 117 12.40 32.15 11.71
N ASP E 118 12.19 33.43 11.40
CA ASP E 118 13.19 34.20 10.67
C ASP E 118 14.34 34.66 11.54
N LYS E 119 14.21 34.57 12.85
CA LYS E 119 15.24 34.99 13.78
C LYS E 119 15.24 34.04 14.96
N THR E 120 16.40 33.89 15.59
CA THR E 120 16.52 33.07 16.78
C THR E 120 16.38 33.85 18.07
N SER E 121 16.48 35.17 18.00
CA SER E 121 16.42 36.01 19.20
C SER E 121 15.84 37.35 18.81
N ALA E 122 15.24 38.02 19.80
CA ALA E 122 14.67 39.35 19.59
C ALA E 122 14.63 40.09 20.92
N LYS E 123 14.50 41.41 20.84
CA LYS E 123 14.44 42.20 22.05
C LYS E 123 13.09 42.03 22.76
N ALA E 124 13.14 41.94 24.08
CA ALA E 124 11.95 41.79 24.91
C ALA E 124 11.28 43.14 25.16
N ASP E 125 11.03 43.90 24.10
CA ASP E 125 10.41 45.22 24.21
C ASP E 125 8.96 45.21 23.76
N GLY E 126 8.38 44.03 23.52
CA GLY E 126 7.03 43.96 23.03
C GLY E 126 6.85 44.55 21.65
N THR E 127 7.94 44.78 20.92
CA THR E 127 7.88 45.47 19.64
C THR E 127 8.61 44.68 18.56
N GLU E 128 9.82 44.21 18.82
CA GLU E 128 10.54 43.46 17.79
C GLU E 128 9.81 42.14 17.54
N ALA E 129 9.55 41.85 16.28
CA ALA E 129 8.76 40.69 15.88
C ALA E 129 9.66 39.56 15.42
N ILE E 130 9.31 38.35 15.84
CA ILE E 130 9.83 37.12 15.25
C ILE E 130 8.72 36.55 14.38
N THR E 131 9.01 36.35 13.09
CA THR E 131 8.00 35.92 12.11
C THR E 131 8.20 34.45 11.78
N TYR E 132 7.11 33.69 11.89
CA TYR E 132 7.11 32.26 11.64
C TYR E 132 6.40 31.94 10.32
N THR E 133 6.89 30.90 9.65
CA THR E 133 6.31 30.45 8.38
C THR E 133 6.04 28.96 8.49
N ALA E 134 4.79 28.57 8.27
CA ALA E 134 4.37 27.18 8.19
C ALA E 134 4.17 26.79 6.73
N THR E 135 4.68 25.64 6.35
CA THR E 135 4.47 25.06 5.02
C THR E 135 3.62 23.81 5.16
N VAL E 136 2.55 23.73 4.37
CA VAL E 136 1.61 22.61 4.40
C VAL E 136 1.73 21.85 3.10
N LYS E 137 1.97 20.55 3.20
CA LYS E 137 2.10 19.69 2.03
C LYS E 137 1.33 18.41 2.24
N LYS E 138 1.01 17.75 1.13
CA LYS E 138 0.53 16.37 1.11
C LYS E 138 1.45 15.62 0.16
N ASN E 139 2.16 14.63 0.69
CA ASN E 139 3.13 13.88 -0.09
C ASN E 139 4.08 14.82 -0.86
N GLY E 140 4.55 15.83 -0.16
CA GLY E 140 5.53 16.76 -0.69
C GLY E 140 4.98 17.86 -1.58
N VAL E 141 3.67 17.89 -1.82
CA VAL E 141 3.07 18.88 -2.71
C VAL E 141 2.36 19.95 -1.87
N ALA E 142 2.74 21.20 -2.08
CA ALA E 142 2.14 22.30 -1.32
C ALA E 142 0.63 22.35 -1.52
N GLN E 143 -0.09 22.64 -0.44
CA GLN E 143 -1.54 22.66 -0.42
C GLN E 143 -2.04 24.08 -0.15
N ALA E 144 -2.91 24.58 -1.00
CA ALA E 144 -3.41 25.95 -0.90
C ALA E 144 -4.73 26.03 -0.14
N ASN E 145 -4.95 27.18 0.50
CA ASN E 145 -6.22 27.50 1.16
C ASN E 145 -6.50 26.64 2.40
N VAL E 146 -5.47 26.10 3.03
CA VAL E 146 -5.63 25.22 4.19
C VAL E 146 -5.49 26.04 5.47
N PRO E 147 -6.44 25.95 6.41
CA PRO E 147 -6.29 26.67 7.68
C PRO E 147 -5.18 26.07 8.55
N VAL E 148 -4.32 26.93 9.07
CA VAL E 148 -3.23 26.55 9.98
C VAL E 148 -3.44 27.25 11.32
N SER E 149 -3.40 26.48 12.39
N SER E 149 -3.40 26.47 12.39
CA SER E 149 -3.60 26.99 13.75
CA SER E 149 -3.60 26.98 13.75
C SER E 149 -2.26 27.17 14.45
C SER E 149 -2.25 27.17 14.43
N PHE E 150 -2.08 28.32 15.09
CA PHE E 150 -0.83 28.66 15.78
C PHE E 150 -1.07 28.80 17.27
N ASN E 151 -0.15 28.29 18.07
N ASN E 151 -0.12 28.32 18.07
CA ASN E 151 -0.29 28.34 19.52
CA ASN E 151 -0.28 28.26 19.52
C ASN E 151 1.07 28.47 20.18
C ASN E 151 1.08 28.44 20.19
N ILE E 152 1.09 29.15 21.33
CA ILE E 152 2.28 29.24 22.17
C ILE E 152 2.27 28.04 23.11
N VAL E 153 3.26 27.16 22.95
CA VAL E 153 3.35 25.95 23.75
C VAL E 153 3.92 26.26 25.13
N SER E 154 4.92 27.12 25.19
CA SER E 154 5.57 27.46 26.44
C SER E 154 6.20 28.84 26.31
N GLY E 155 6.32 29.52 27.44
CA GLY E 155 6.86 30.86 27.48
C GLY E 155 5.78 31.92 27.49
N THR E 156 6.24 33.17 27.65
CA THR E 156 5.36 34.32 27.79
C THR E 156 5.56 35.20 26.56
N ALA E 157 4.54 35.31 25.73
CA ALA E 157 4.62 36.08 24.49
C ALA E 157 3.22 36.28 23.95
N VAL E 158 3.12 36.93 22.79
CA VAL E 158 1.85 37.22 22.15
C VAL E 158 1.97 36.95 20.65
N LEU E 159 1.03 36.16 20.12
CA LEU E 159 0.93 35.89 18.69
C LEU E 159 0.00 36.90 18.03
N SER E 160 0.34 37.28 16.79
CA SER E 160 -0.47 38.23 16.05
C SER E 160 -1.81 37.65 15.61
N ALA E 161 -1.89 36.33 15.50
CA ALA E 161 -3.11 35.66 15.09
C ALA E 161 -3.00 34.21 15.52
N ASN E 162 -4.16 33.59 15.73
N ASN E 162 -4.15 33.55 15.64
CA ASN E 162 -4.22 32.19 16.10
CA ASN E 162 -4.16 32.12 15.97
C ASN E 162 -4.39 31.26 14.90
C ASN E 162 -4.57 31.24 14.79
N SER E 163 -4.59 31.80 13.71
N SER E 163 -4.77 31.81 13.60
CA SER E 163 -4.70 30.96 12.51
CA SER E 163 -5.11 31.00 12.44
C SER E 163 -4.59 31.83 11.26
C SER E 163 -4.92 31.82 11.17
N ALA E 164 -4.40 31.16 10.13
CA ALA E 164 -4.32 31.77 8.81
C ALA E 164 -4.37 30.66 7.77
N ASN E 165 -4.91 30.98 6.59
CA ASN E 165 -5.00 29.99 5.52
C ASN E 165 -3.76 30.07 4.64
N THR E 166 -3.29 28.91 4.18
CA THR E 166 -2.13 28.90 3.30
C THR E 166 -2.47 29.57 1.97
N ASN E 167 -1.44 30.15 1.37
CA ASN E 167 -1.56 30.77 0.05
C ASN E 167 -1.40 29.68 -1.03
N GLY E 168 -1.28 30.11 -2.28
CA GLY E 168 -1.15 29.16 -3.38
C GLY E 168 0.11 28.33 -3.30
N SER E 169 1.11 28.77 -2.54
CA SER E 169 2.36 28.04 -2.37
C SER E 169 2.40 27.21 -1.08
N GLY E 170 1.28 27.09 -0.37
CA GLY E 170 1.21 26.28 0.82
C GLY E 170 1.77 26.91 2.08
N LYS E 171 1.95 28.24 2.11
CA LYS E 171 2.61 28.90 3.23
C LYS E 171 1.65 29.82 3.98
N ALA E 172 1.75 29.78 5.31
CA ALA E 172 1.03 30.66 6.22
C ALA E 172 1.98 31.24 7.26
N THR E 173 1.75 32.49 7.67
CA THR E 173 2.68 33.18 8.57
C THR E 173 1.96 33.75 9.79
N VAL E 174 2.76 34.00 10.83
CA VAL E 174 2.31 34.65 12.07
C VAL E 174 3.51 35.31 12.71
N THR E 175 3.28 36.33 13.54
CA THR E 175 4.37 37.01 14.25
C THR E 175 4.25 36.81 15.75
N LEU E 176 5.40 36.90 16.42
CA LEU E 176 5.53 36.69 17.86
C LEU E 176 6.33 37.85 18.45
N LYS E 177 5.82 38.41 19.55
CA LYS E 177 6.48 39.49 20.27
C LYS E 177 6.36 39.21 21.76
N SER E 178 7.24 39.82 22.55
CA SER E 178 7.16 39.64 23.99
C SER E 178 7.77 40.82 24.74
N ASP E 179 7.16 41.15 25.87
CA ASP E 179 7.70 42.14 26.81
C ASP E 179 8.52 41.51 27.92
N LYS E 180 8.72 40.20 27.90
CA LYS E 180 9.41 39.51 28.98
C LYS E 180 10.57 38.67 28.43
N PRO E 181 11.73 38.72 29.07
CA PRO E 181 12.84 37.87 28.62
C PRO E 181 12.54 36.41 28.92
N GLY E 182 12.99 35.54 28.04
CA GLY E 182 12.80 34.11 28.22
C GLY E 182 12.65 33.40 26.89
N GLN E 183 12.54 32.08 26.99
CA GLN E 183 12.38 31.22 25.82
C GLN E 183 10.91 31.00 25.51
N VAL E 184 10.60 30.86 24.22
CA VAL E 184 9.23 30.64 23.76
C VAL E 184 9.22 29.57 22.68
N VAL E 185 8.28 28.64 22.78
CA VAL E 185 8.05 27.62 21.76
C VAL E 185 6.66 27.84 21.17
N VAL E 186 6.59 27.96 19.85
CA VAL E 186 5.34 28.12 19.11
C VAL E 186 5.11 26.87 18.26
N SER E 187 3.84 26.53 18.05
CA SER E 187 3.48 25.35 17.26
C SER E 187 2.51 25.71 16.15
N ALA E 188 2.47 24.83 15.13
CA ALA E 188 1.57 24.99 13.98
C ALA E 188 0.88 23.65 13.71
N LYS E 189 -0.40 23.71 13.34
CA LYS E 189 -1.17 22.48 13.14
C LYS E 189 -2.25 22.69 12.09
N THR E 190 -2.53 21.63 11.33
CA THR E 190 -3.68 21.54 10.46
C THR E 190 -4.64 20.47 10.99
N ALA E 191 -5.86 20.47 10.46
CA ALA E 191 -6.93 19.66 11.04
C ALA E 191 -6.61 18.17 11.05
N GLU E 192 -5.99 17.64 9.99
CA GLU E 192 -5.77 16.20 9.92
C GLU E 192 -4.66 15.71 10.84
N MET E 193 -3.75 16.61 11.25
CA MET E 193 -2.60 16.17 12.03
C MET E 193 -3.04 15.66 13.40
N THR E 194 -2.28 14.70 13.93
CA THR E 194 -2.60 14.13 15.23
C THR E 194 -2.13 15.03 16.37
N SER E 195 -1.08 15.82 16.12
CA SER E 195 -0.55 16.77 17.09
C SER E 195 0.15 17.88 16.32
N ALA E 196 0.38 19.00 17.00
CA ALA E 196 1.00 20.15 16.37
C ALA E 196 2.51 19.93 16.20
N LEU E 197 3.10 20.65 15.25
CA LEU E 197 4.54 20.66 15.05
C LEU E 197 5.13 21.87 15.76
N ASN E 198 6.06 21.62 16.70
CA ASN E 198 6.71 22.70 17.43
C ASN E 198 7.90 23.26 16.65
N ALA E 199 7.98 24.60 16.58
CA ALA E 199 9.20 25.23 16.12
C ALA E 199 10.28 25.12 17.17
N ASN E 200 11.52 25.35 16.76
CA ASN E 200 12.60 25.45 17.73
C ASN E 200 12.36 26.65 18.63
N ALA E 201 12.81 26.53 19.88
CA ALA E 201 12.66 27.64 20.82
C ALA E 201 13.39 28.87 20.33
N VAL E 202 12.80 30.03 20.61
CA VAL E 202 13.44 31.33 20.40
C VAL E 202 13.60 31.99 21.77
N ILE E 203 14.42 33.03 21.82
CA ILE E 203 14.73 33.71 23.08
C ILE E 203 14.46 35.21 22.92
N PHE E 204 13.76 35.78 23.90
CA PHE E 204 13.62 37.24 24.00
C PHE E 204 14.59 37.74 25.07
N VAL E 205 15.33 38.80 24.74
CA VAL E 205 16.45 39.27 25.53
C VAL E 205 16.20 40.70 25.97
N ASP E 206 16.55 41.01 27.21
CA ASP E 206 16.49 42.38 27.71
C ASP E 206 17.78 43.12 27.36
N GLN F 3 12.28 -20.91 -14.60
CA GLN F 3 13.48 -21.70 -14.84
C GLN F 3 14.73 -20.91 -14.39
N ASP F 4 14.59 -20.22 -13.26
CA ASP F 4 15.71 -19.45 -12.72
C ASP F 4 16.83 -20.38 -12.26
N ILE F 5 18.07 -19.96 -12.48
CA ILE F 5 19.20 -20.85 -12.33
C ILE F 5 19.87 -20.70 -10.97
N LEU F 6 20.10 -19.47 -10.49
CA LEU F 6 20.86 -19.28 -9.24
C LEU F 6 20.59 -17.92 -8.65
N SER F 7 20.13 -17.90 -7.39
CA SER F 7 19.91 -16.66 -6.69
C SER F 7 20.39 -16.76 -5.24
N LEU F 8 20.81 -15.61 -4.71
CA LEU F 8 21.21 -15.48 -3.33
C LEU F 8 20.48 -14.28 -2.72
N ASN F 9 19.98 -14.45 -1.51
CA ASN F 9 19.34 -13.38 -0.74
C ASN F 9 19.88 -13.38 0.67
N ILE F 10 20.12 -12.17 1.21
CA ILE F 10 20.55 -12.02 2.59
C ILE F 10 19.51 -11.14 3.29
N PRO F 11 18.50 -11.74 3.93
CA PRO F 11 17.34 -10.93 4.36
C PRO F 11 17.61 -9.95 5.47
N HIS F 12 18.59 -10.20 6.34
CA HIS F 12 18.75 -9.40 7.55
C HIS F 12 20.18 -8.95 7.74
N ASP F 13 20.35 -7.66 8.05
CA ASP F 13 21.65 -7.18 8.47
C ASP F 13 21.91 -7.57 9.93
N ILE F 14 23.16 -7.43 10.36
CA ILE F 14 23.61 -7.90 11.67
C ILE F 14 23.99 -6.70 12.54
N ASN F 15 23.49 -6.71 13.79
CA ASN F 15 23.88 -5.76 14.81
C ASN F 15 24.33 -6.57 16.02
N GLY F 16 25.59 -6.40 16.44
CA GLY F 16 26.11 -7.22 17.52
C GLY F 16 27.17 -6.52 18.33
N THR F 17 27.45 -7.11 19.49
CA THR F 17 28.47 -6.57 20.38
C THR F 17 29.86 -6.87 19.85
N GLU F 18 30.79 -5.94 20.11
CA GLU F 18 32.16 -6.09 19.66
C GLU F 18 32.73 -7.44 20.09
N ARG F 19 33.54 -8.03 19.22
N ARG F 19 33.55 -8.02 19.22
CA ARG F 19 34.27 -9.27 19.46
CA ARG F 19 34.27 -9.27 19.45
C ARG F 19 33.37 -10.51 19.42
C ARG F 19 33.38 -10.50 19.43
N SER F 20 32.08 -10.37 19.20
CA SER F 20 31.17 -11.52 19.23
C SER F 20 31.16 -12.24 17.87
N THR F 21 30.66 -13.47 17.89
CA THR F 21 30.45 -14.26 16.69
C THR F 21 28.96 -14.27 16.36
N GLN F 22 28.61 -13.94 15.12
CA GLN F 22 27.23 -13.79 14.72
C GLN F 22 26.95 -14.68 13.50
N LYS F 23 25.96 -15.57 13.61
CA LYS F 23 25.59 -16.39 12.47
C LYS F 23 24.92 -15.54 11.41
N ILE F 24 25.15 -15.90 10.15
CA ILE F 24 24.64 -15.19 8.98
C ILE F 24 23.56 -16.05 8.35
N GLN F 25 22.40 -15.44 8.07
CA GLN F 25 21.32 -16.15 7.40
C GLN F 25 21.37 -15.86 5.91
N LEU F 26 21.59 -16.90 5.11
CA LEU F 26 21.56 -16.81 3.66
C LEU F 26 20.41 -17.65 3.12
N ILE F 27 19.83 -17.23 2.00
CA ILE F 27 18.82 -18.00 1.28
C ILE F 27 19.32 -18.20 -0.14
N VAL F 28 19.53 -19.45 -0.52
CA VAL F 28 20.07 -19.82 -1.82
C VAL F 28 19.05 -20.69 -2.53
N LYS F 29 18.79 -20.40 -3.80
CA LYS F 29 18.05 -21.28 -4.69
C LYS F 29 18.93 -21.56 -5.90
N SER F 30 19.16 -22.83 -6.19
CA SER F 30 20.13 -23.23 -7.20
C SER F 30 19.61 -24.45 -7.95
N LYS F 31 19.37 -24.28 -9.26
CA LYS F 31 18.93 -25.38 -10.10
C LYS F 31 19.98 -26.49 -10.16
N TYR F 32 21.26 -26.13 -10.24
CA TYR F 32 22.32 -27.11 -10.46
C TYR F 32 23.03 -27.53 -9.19
N GLY F 33 22.71 -26.93 -8.05
CA GLY F 33 23.32 -27.29 -6.79
C GLY F 33 24.33 -26.26 -6.32
N LEU F 34 24.23 -25.84 -5.06
CA LEU F 34 25.17 -24.89 -4.51
C LEU F 34 26.54 -25.54 -4.34
N ASP F 35 27.57 -24.85 -4.81
CA ASP F 35 28.95 -25.26 -4.59
C ASP F 35 29.59 -24.51 -3.43
N ARG F 36 29.45 -23.18 -3.36
CA ARG F 36 30.16 -22.39 -2.36
C ARG F 36 29.62 -20.98 -2.31
N ILE F 37 30.01 -20.26 -1.27
CA ILE F 37 29.84 -18.82 -1.14
C ILE F 37 31.23 -18.20 -1.07
N VAL F 38 31.44 -17.13 -1.83
CA VAL F 38 32.68 -16.37 -1.82
C VAL F 38 32.40 -14.98 -1.27
N TRP F 39 33.20 -14.54 -0.32
CA TRP F 39 32.99 -13.30 0.41
C TRP F 39 34.10 -12.30 0.14
N ASP F 40 33.72 -11.03 0.07
CA ASP F 40 34.63 -9.90 0.21
C ASP F 40 34.31 -9.30 1.58
N ASP F 41 35.12 -9.65 2.57
CA ASP F 41 34.97 -9.16 3.94
C ASP F 41 36.08 -8.18 4.30
N SER F 42 36.67 -7.53 3.29
CA SER F 42 37.79 -6.64 3.53
C SER F 42 37.44 -5.53 4.51
N ALA F 43 36.20 -5.06 4.49
CA ALA F 43 35.82 -4.02 5.45
C ALA F 43 36.00 -4.48 6.89
N LEU F 44 35.58 -5.71 7.18
CA LEU F 44 35.79 -6.26 8.51
C LEU F 44 37.26 -6.45 8.82
N ARG F 45 38.04 -6.91 7.82
CA ARG F 45 39.45 -7.19 8.09
C ARG F 45 40.24 -5.94 8.39
N SER F 46 39.79 -4.77 7.92
CA SER F 46 40.46 -3.52 8.25
C SER F 46 40.52 -3.30 9.76
N GLN F 47 39.61 -3.92 10.52
CA GLN F 47 39.58 -3.79 11.97
C GLN F 47 39.75 -5.13 12.68
N GLY F 48 40.24 -6.16 11.99
CA GLY F 48 40.54 -7.42 12.65
C GLY F 48 39.39 -8.39 12.74
N GLY F 49 38.25 -8.11 12.12
CA GLY F 49 37.17 -9.07 12.04
C GLY F 49 37.25 -9.87 10.75
N GLN F 50 36.28 -10.77 10.58
CA GLN F 50 36.29 -11.62 9.38
C GLN F 50 34.99 -12.38 9.27
N ILE F 51 34.74 -12.91 8.06
CA ILE F 51 33.68 -13.90 7.80
C ILE F 51 34.37 -15.25 7.65
N GLN F 52 33.81 -16.29 8.29
CA GLN F 52 34.38 -17.61 8.22
C GLN F 52 33.28 -18.67 8.14
N HIS F 53 33.60 -19.79 7.49
CA HIS F 53 32.68 -20.90 7.45
C HIS F 53 32.61 -21.57 8.81
N SER F 54 31.40 -21.97 9.20
CA SER F 54 31.14 -22.51 10.53
C SER F 54 31.62 -23.94 10.70
N GLY F 55 31.99 -24.63 9.63
CA GLY F 55 32.44 -25.99 9.71
C GLY F 55 31.35 -27.03 9.54
N SER F 56 30.11 -26.62 9.32
CA SER F 56 29.04 -27.59 9.15
C SER F 56 29.10 -28.19 7.75
N GLN F 57 28.18 -29.12 7.49
CA GLN F 57 28.09 -29.76 6.19
C GLN F 57 27.40 -28.89 5.14
N SER F 58 26.84 -27.75 5.53
CA SER F 58 26.19 -26.87 4.58
C SER F 58 27.18 -25.87 4.02
N ALA F 59 27.26 -25.81 2.69
CA ALA F 59 28.16 -24.86 2.02
C ALA F 59 27.76 -23.41 2.20
N GLN F 60 26.60 -23.12 2.81
CA GLN F 60 26.18 -21.75 3.00
C GLN F 60 26.17 -21.31 4.46
N ASP F 61 26.78 -22.08 5.35
CA ASP F 61 26.75 -21.81 6.79
C ASP F 61 27.99 -21.01 7.19
N TYR F 62 27.83 -19.69 7.32
CA TYR F 62 28.90 -18.76 7.63
C TYR F 62 28.57 -17.95 8.88
N GLN F 63 29.62 -17.37 9.47
CA GLN F 63 29.46 -16.53 10.64
C GLN F 63 30.44 -15.37 10.53
N ALA F 64 30.08 -14.26 11.18
CA ALA F 64 30.93 -13.09 11.23
C ALA F 64 31.56 -12.99 12.61
N ILE F 65 32.88 -12.76 12.64
CA ILE F 65 33.59 -12.41 13.86
C ILE F 65 33.71 -10.89 13.88
N LEU F 66 33.04 -10.25 14.82
CA LEU F 66 32.99 -8.80 14.80
C LEU F 66 34.25 -8.21 15.42
N PRO F 67 34.77 -7.11 14.85
CA PRO F 67 35.96 -6.48 15.42
C PRO F 67 35.68 -5.81 16.75
N ALA F 68 36.76 -5.35 17.36
CA ALA F 68 36.64 -4.49 18.53
C ALA F 68 35.96 -3.19 18.12
N TYR F 69 35.28 -2.56 19.09
CA TYR F 69 34.62 -1.29 18.85
C TYR F 69 35.67 -0.21 18.65
N VAL F 70 35.40 0.68 17.69
CA VAL F 70 36.28 1.81 17.38
C VAL F 70 35.66 3.04 18.01
N GLN F 71 36.35 3.61 19.00
CA GLN F 71 35.86 4.81 19.66
C GLN F 71 35.90 5.98 18.69
N GLY F 72 34.75 6.62 18.48
CA GLY F 72 34.64 7.69 17.52
C GLY F 72 34.59 7.27 16.07
N GLY F 73 34.62 5.97 15.78
CA GLY F 73 34.68 5.50 14.42
C GLY F 73 33.31 5.16 13.86
N SER F 74 33.33 4.63 12.63
CA SER F 74 32.09 4.28 11.93
C SER F 74 31.40 3.09 12.58
N ASN F 75 32.13 2.00 12.78
CA ASN F 75 31.60 0.75 13.33
C ASN F 75 30.52 0.11 12.46
N VAL F 76 30.45 0.50 11.19
CA VAL F 76 29.56 -0.13 10.21
C VAL F 76 30.45 -0.73 9.14
N TYR F 77 30.20 -2.01 8.82
CA TYR F 77 31.02 -2.78 7.90
C TYR F 77 30.15 -3.37 6.82
N LYS F 78 30.50 -3.05 5.57
CA LYS F 78 29.76 -3.51 4.40
C LYS F 78 30.57 -4.63 3.75
N VAL F 79 29.98 -5.82 3.64
CA VAL F 79 30.62 -6.97 3.04
C VAL F 79 29.68 -7.53 1.98
N THR F 80 30.25 -8.30 1.05
CA THR F 80 29.46 -8.85 -0.05
C THR F 80 29.71 -10.35 -0.21
N ALA F 81 28.67 -11.05 -0.64
CA ALA F 81 28.72 -12.49 -0.83
C ALA F 81 28.19 -12.82 -2.22
N ARG F 82 28.81 -13.81 -2.85
CA ARG F 82 28.37 -14.32 -4.14
C ARG F 82 28.31 -15.84 -4.05
N ALA F 83 27.21 -16.44 -4.45
CA ALA F 83 27.10 -17.89 -4.50
C ALA F 83 27.51 -18.41 -5.86
N TYR F 84 28.12 -19.59 -5.87
CA TYR F 84 28.43 -20.30 -7.10
C TYR F 84 27.77 -21.67 -7.05
N ASP F 85 27.29 -22.12 -8.19
CA ASP F 85 26.72 -23.46 -8.32
C ASP F 85 27.76 -24.44 -8.84
N ARG F 86 27.36 -25.71 -8.93
CA ARG F 86 28.27 -26.78 -9.33
C ARG F 86 28.69 -26.68 -10.80
N ASN F 87 28.01 -25.87 -11.61
CA ASN F 87 28.38 -25.62 -12.99
C ASN F 87 29.26 -24.38 -13.18
N GLY F 88 29.58 -23.66 -12.11
CA GLY F 88 30.42 -22.48 -12.20
C GLY F 88 29.68 -21.18 -12.38
N ASN F 89 28.35 -21.20 -12.46
CA ASN F 89 27.59 -19.96 -12.49
C ASN F 89 27.64 -19.30 -11.13
N SER F 90 27.47 -17.98 -11.11
CA SER F 90 27.37 -17.24 -9.88
C SER F 90 26.05 -16.49 -9.78
N SER F 91 25.75 -16.08 -8.57
CA SER F 91 24.62 -15.20 -8.28
C SER F 91 25.05 -13.75 -8.39
N ASN F 92 24.13 -12.83 -8.09
CA ASN F 92 24.49 -11.45 -7.83
C ASN F 92 25.40 -11.38 -6.63
N ASN F 93 26.16 -10.29 -6.53
CA ASN F 93 26.98 -9.99 -5.35
C ASN F 93 26.12 -9.22 -4.37
N VAL F 94 25.82 -9.85 -3.22
CA VAL F 94 24.78 -9.37 -2.31
C VAL F 94 25.40 -8.73 -1.08
N LEU F 95 24.86 -7.59 -0.67
CA LEU F 95 25.40 -6.80 0.44
C LEU F 95 24.88 -7.27 1.79
N LEU F 96 25.79 -7.41 2.76
CA LEU F 96 25.46 -7.61 4.17
C LEU F 96 26.10 -6.49 4.96
N THR F 97 25.33 -5.83 5.82
CA THR F 97 25.83 -4.75 6.66
C THR F 97 25.92 -5.23 8.10
N ILE F 98 27.08 -5.02 8.71
CA ILE F 98 27.36 -5.47 10.07
C ILE F 98 27.70 -4.23 10.89
N THR F 99 26.96 -4.01 11.97
CA THR F 99 27.17 -2.87 12.86
C THR F 99 27.59 -3.37 14.23
N VAL F 100 28.64 -2.73 14.78
CA VAL F 100 29.28 -3.18 16.01
C VAL F 100 29.00 -2.18 17.11
N LEU F 101 28.58 -2.70 18.27
CA LEU F 101 28.36 -1.89 19.46
C LEU F 101 29.40 -2.23 20.51
N SER F 102 29.73 -1.25 21.35
CA SER F 102 30.73 -1.47 22.37
C SER F 102 30.13 -2.28 23.52
N ASN F 103 31.02 -2.82 24.37
CA ASN F 103 30.56 -3.62 25.51
C ASN F 103 29.88 -2.78 26.59
N GLY F 104 29.91 -1.46 26.47
CA GLY F 104 29.13 -0.61 27.34
C GLY F 104 27.81 -0.16 26.75
N GLN F 105 27.47 -0.63 25.56
CA GLN F 105 26.24 -0.32 24.85
C GLN F 105 25.42 -1.60 24.76
N VAL F 106 24.14 -1.47 24.40
CA VAL F 106 23.20 -2.58 24.38
C VAL F 106 22.55 -2.70 23.02
N VAL F 107 22.64 -3.91 22.42
CA VAL F 107 22.02 -4.13 21.13
C VAL F 107 20.51 -3.91 21.25
N ASP F 108 19.94 -3.22 20.26
CA ASP F 108 18.51 -2.94 20.11
C ASP F 108 17.98 -1.92 21.12
N GLN F 109 18.84 -1.35 21.95
CA GLN F 109 18.41 -0.39 22.96
C GLN F 109 18.49 1.02 22.40
N VAL F 110 17.47 1.84 22.70
CA VAL F 110 17.50 3.27 22.44
C VAL F 110 18.20 3.90 23.64
N GLY F 111 19.48 4.27 23.47
CA GLY F 111 20.28 4.68 24.60
C GLY F 111 21.22 5.83 24.26
N VAL F 112 21.61 6.54 25.30
CA VAL F 112 22.61 7.59 25.17
C VAL F 112 23.97 6.94 24.98
N THR F 113 24.63 7.23 23.86
CA THR F 113 25.95 6.71 23.59
C THR F 113 27.07 7.71 23.89
N ASP F 114 26.77 9.00 23.90
CA ASP F 114 27.77 10.03 24.12
C ASP F 114 27.12 11.16 24.90
N PHE F 115 27.88 11.74 25.83
CA PHE F 115 27.39 12.88 26.61
C PHE F 115 28.58 13.76 26.94
N THR F 116 28.68 14.90 26.25
CA THR F 116 29.86 15.74 26.30
C THR F 116 29.47 17.19 26.58
N ALA F 117 30.43 17.92 27.13
CA ALA F 117 30.29 19.34 27.43
C ALA F 117 31.12 20.16 26.46
N ASP F 118 30.66 21.38 26.19
CA ASP F 118 31.38 22.26 25.27
C ASP F 118 32.59 22.93 25.92
N LYS F 119 32.71 22.86 27.26
CA LYS F 119 33.83 23.46 27.98
C LYS F 119 34.22 22.53 29.12
N THR F 120 35.48 22.63 29.54
CA THR F 120 35.93 21.87 30.71
C THR F 120 35.87 22.67 31.99
N SER F 121 35.74 24.00 31.90
CA SER F 121 35.68 24.85 33.09
C SER F 121 34.86 26.09 32.77
N ALA F 122 34.33 26.71 33.81
CA ALA F 122 33.56 27.93 33.68
C ALA F 122 33.61 28.72 34.98
N LYS F 123 33.24 29.98 34.91
CA LYS F 123 33.24 30.83 36.09
C LYS F 123 32.12 30.42 37.03
N ALA F 124 32.43 30.41 38.33
CA ALA F 124 31.43 30.11 39.35
C ALA F 124 30.66 31.38 39.70
N ASP F 125 30.13 32.06 38.68
CA ASP F 125 29.38 33.29 38.85
C ASP F 125 27.89 33.09 38.66
N GLY F 126 27.42 31.86 38.56
CA GLY F 126 26.00 31.63 38.33
C GLY F 126 25.51 32.13 36.99
N THR F 127 26.42 32.43 36.06
CA THR F 127 26.04 33.05 34.80
C THR F 127 26.62 32.30 33.60
N GLU F 128 27.91 31.96 33.65
CA GLU F 128 28.51 31.26 32.51
C GLU F 128 27.90 29.87 32.39
N ALA F 129 27.49 29.53 31.16
CA ALA F 129 26.81 28.27 30.90
C ALA F 129 27.79 27.28 30.31
N ILE F 130 27.74 26.05 30.81
CA ILE F 130 28.37 24.90 30.14
C ILE F 130 27.24 24.14 29.48
N THR F 131 27.36 23.92 28.17
CA THR F 131 26.31 23.29 27.39
C THR F 131 26.69 21.85 27.14
N TYR F 132 25.79 20.93 27.49
CA TYR F 132 25.98 19.49 27.32
C TYR F 132 25.13 19.00 26.17
N THR F 133 25.66 18.02 25.45
CA THR F 133 24.96 17.39 24.33
C THR F 133 24.95 15.89 24.55
N ALA F 134 23.77 15.30 24.59
CA ALA F 134 23.61 13.85 24.64
C ALA F 134 23.23 13.37 23.25
N THR F 135 23.87 12.29 22.80
CA THR F 135 23.54 11.65 21.53
C THR F 135 22.86 10.32 21.83
N VAL F 136 21.71 10.08 21.23
CA VAL F 136 20.91 8.88 21.44
C VAL F 136 20.93 8.07 20.15
N LYS F 137 21.29 6.80 20.25
CA LYS F 137 21.32 5.91 19.10
C LYS F 137 20.69 4.57 19.45
N LYS F 138 20.25 3.87 18.41
CA LYS F 138 19.87 2.47 18.49
C LYS F 138 20.66 1.75 17.41
N ASN F 139 21.53 0.83 17.82
CA ASN F 139 22.38 0.09 16.88
C ASN F 139 23.10 1.05 15.93
N GLY F 140 23.65 2.12 16.51
CA GLY F 140 24.46 3.07 15.78
C GLY F 140 23.70 4.10 15.00
N VAL F 141 22.37 4.08 15.03
CA VAL F 141 21.54 4.98 14.24
C VAL F 141 20.91 6.02 15.16
N ALA F 142 21.12 7.29 14.84
CA ALA F 142 20.57 8.38 15.65
C ALA F 142 19.06 8.28 15.75
N GLN F 143 18.54 8.59 16.95
CA GLN F 143 17.12 8.48 17.26
C GLN F 143 16.54 9.85 17.58
N ALA F 144 15.47 10.22 16.88
CA ALA F 144 14.86 11.54 17.05
C ALA F 144 13.71 11.50 18.05
N ASN F 145 13.47 12.63 18.69
CA ASN F 145 12.29 12.84 19.52
C ASN F 145 12.28 11.97 20.77
N VAL F 146 13.44 11.60 21.27
CA VAL F 146 13.56 10.74 22.45
C VAL F 146 13.80 11.63 23.67
N PRO F 147 13.03 11.48 24.75
CA PRO F 147 13.32 12.26 25.96
C PRO F 147 14.58 11.75 26.65
N VAL F 148 15.45 12.69 27.01
CA VAL F 148 16.68 12.42 27.75
C VAL F 148 16.57 13.13 29.09
N SER F 149 16.83 12.42 30.17
N SER F 149 16.81 12.41 30.17
CA SER F 149 16.77 12.99 31.51
CA SER F 149 16.79 12.98 31.51
C SER F 149 18.18 13.33 32.00
C SER F 149 18.20 13.37 31.92
N PHE F 150 18.32 14.51 32.59
CA PHE F 150 19.59 15.01 33.07
C PHE F 150 19.58 15.13 34.59
N ASN F 151 20.69 14.76 35.21
CA ASN F 151 20.82 14.82 36.66
C ASN F 151 22.22 15.25 37.04
N ILE F 152 22.33 16.00 38.12
CA ILE F 152 23.61 16.33 38.72
C ILE F 152 23.98 15.18 39.66
N VAL F 153 25.05 14.46 39.32
CA VAL F 153 25.48 13.32 40.11
C VAL F 153 26.21 13.79 41.36
N SER F 154 27.06 14.80 41.22
CA SER F 154 27.83 15.31 42.33
C SER F 154 28.20 16.75 42.03
N GLY F 155 28.36 17.53 43.08
CA GLY F 155 28.69 18.93 42.96
C GLY F 155 27.46 19.82 43.05
N THR F 156 27.73 21.12 43.07
CA THR F 156 26.71 22.15 43.27
C THR F 156 26.57 22.93 41.98
N ALA F 157 25.40 22.85 41.37
CA ALA F 157 25.13 23.55 40.12
C ALA F 157 23.63 23.49 39.88
N VAL F 158 23.20 24.11 38.79
CA VAL F 158 21.80 24.15 38.39
C VAL F 158 21.71 23.85 36.90
N LEU F 159 20.85 22.89 36.54
CA LEU F 159 20.57 22.55 35.16
C LEU F 159 19.45 23.43 34.63
N SER F 160 19.54 23.80 33.35
CA SER F 160 18.50 24.63 32.76
C SER F 160 17.18 23.88 32.65
N ALA F 161 17.23 22.55 32.61
CA ALA F 161 16.05 21.72 32.53
C ALA F 161 16.44 20.32 32.98
N ASN F 162 15.46 19.58 33.48
N ASN F 162 15.46 19.57 33.47
CA ASN F 162 15.69 18.20 33.89
CA ASN F 162 15.70 18.20 33.90
C ASN F 162 15.64 17.22 32.73
C ASN F 162 15.53 17.19 32.77
N SER F 163 15.04 17.61 31.61
CA SER F 163 14.86 16.71 30.48
C SER F 163 14.80 17.52 29.20
N ALA F 164 15.10 16.86 28.08
CA ALA F 164 14.99 17.45 26.76
C ALA F 164 14.88 16.34 25.72
N ASN F 165 14.23 16.64 24.60
CA ASN F 165 14.06 15.68 23.52
C ASN F 165 15.16 15.84 22.48
N THR F 166 15.61 14.71 21.93
CA THR F 166 16.61 14.75 20.86
C THR F 166 16.01 15.34 19.59
N ASN F 167 16.87 15.97 18.79
CA ASN F 167 16.48 16.49 17.50
C ASN F 167 16.60 15.40 16.44
N GLY F 168 16.50 15.79 15.16
CA GLY F 168 16.60 14.82 14.08
C GLY F 168 17.95 14.14 13.98
N SER F 169 18.98 14.70 14.61
CA SER F 169 20.31 14.11 14.62
C SER F 169 20.58 13.30 15.88
N GLY F 170 19.55 13.08 16.70
CA GLY F 170 19.72 12.29 17.91
C GLY F 170 20.33 13.05 19.07
N LYS F 171 20.34 14.38 19.01
CA LYS F 171 21.04 15.19 19.99
C LYS F 171 20.05 15.97 20.84
N ALA F 172 20.27 15.95 22.15
CA ALA F 172 19.50 16.72 23.11
C ALA F 172 20.48 17.50 23.96
N THR F 173 20.11 18.74 24.30
CA THR F 173 21.05 19.64 24.96
C THR F 173 20.45 20.19 26.24
N VAL F 174 21.35 20.62 27.12
CA VAL F 174 20.99 21.25 28.39
C VAL F 174 22.19 22.10 28.80
N THR F 175 21.94 23.12 29.62
CA THR F 175 23.01 23.97 30.12
C THR F 175 23.16 23.83 31.63
N LEU F 176 24.36 24.13 32.11
CA LEU F 176 24.72 24.00 33.51
C LEU F 176 25.40 25.29 33.94
N LYS F 177 25.00 25.82 35.11
CA LYS F 177 25.59 27.01 35.70
C LYS F 177 25.81 26.77 37.18
N SER F 178 26.69 27.56 37.78
CA SER F 178 26.93 27.39 39.21
C SER F 178 27.45 28.67 39.85
N ASP F 179 27.03 28.90 41.10
CA ASP F 179 27.55 29.97 41.93
C ASP F 179 28.68 29.51 42.85
N LYS F 180 29.00 28.21 42.88
CA LYS F 180 29.95 27.66 43.82
C LYS F 180 31.13 27.03 43.09
N PRO F 181 32.36 27.27 43.56
CA PRO F 181 33.51 26.61 42.95
C PRO F 181 33.53 25.12 43.32
N GLY F 182 33.99 24.32 42.38
CA GLY F 182 34.08 22.89 42.59
C GLY F 182 33.82 22.18 41.29
N GLN F 183 34.00 20.87 41.33
CA GLN F 183 33.79 19.99 40.19
C GLN F 183 32.34 19.51 40.20
N VAL F 184 31.80 19.29 39.01
CA VAL F 184 30.43 18.81 38.84
C VAL F 184 30.40 17.71 37.78
N VAL F 185 29.66 16.64 38.08
CA VAL F 185 29.42 15.54 37.14
C VAL F 185 27.93 15.52 36.84
N VAL F 186 27.58 15.60 35.57
CA VAL F 186 26.21 15.53 35.09
C VAL F 186 26.05 14.23 34.34
N SER F 187 24.84 13.65 34.38
CA SER F 187 24.53 12.41 33.70
C SER F 187 23.33 12.61 32.78
N ALA F 188 23.23 11.71 31.80
CA ALA F 188 22.14 11.69 30.83
C ALA F 188 21.63 10.25 30.71
N LYS F 189 20.32 10.10 30.56
CA LYS F 189 19.72 8.76 30.54
C LYS F 189 18.44 8.79 29.72
N THR F 190 18.18 7.69 29.03
CA THR F 190 16.89 7.43 28.41
C THR F 190 16.19 6.31 29.18
N ALA F 191 14.88 6.17 28.92
CA ALA F 191 14.05 5.30 29.74
C ALA F 191 14.54 3.85 29.75
N GLU F 192 15.00 3.34 28.61
CA GLU F 192 15.36 1.94 28.53
C GLU F 192 16.68 1.63 29.23
N MET F 193 17.55 2.62 29.44
CA MET F 193 18.85 2.35 30.01
C MET F 193 18.73 1.92 31.46
N THR F 194 19.64 1.06 31.90
CA THR F 194 19.63 0.62 33.28
C THR F 194 20.25 1.67 34.20
N SER F 195 21.18 2.46 33.69
CA SER F 195 21.79 3.50 34.49
C SER F 195 22.21 4.63 33.57
N ALA F 196 22.39 5.81 34.16
CA ALA F 196 22.69 6.99 33.38
C ALA F 196 24.14 6.97 32.94
N LEU F 197 24.43 7.70 31.87
CA LEU F 197 25.78 7.91 31.39
C LEU F 197 26.33 9.21 31.96
N ASN F 198 27.43 9.11 32.71
CA ASN F 198 28.06 10.28 33.31
C ASN F 198 28.97 10.98 32.31
N ALA F 199 28.84 12.30 32.23
CA ALA F 199 29.82 13.11 31.52
C ALA F 199 31.11 13.21 32.33
N ASN F 200 32.20 13.54 31.64
CA ASN F 200 33.41 13.89 32.34
C ASN F 200 33.16 15.12 33.20
N ALA F 201 33.83 15.16 34.33
CA ALA F 201 33.64 16.26 35.26
C ALA F 201 34.07 17.59 34.64
N VAL F 202 33.35 18.64 35.01
CA VAL F 202 33.74 20.01 34.70
C VAL F 202 34.01 20.69 36.03
N ILE F 203 34.71 21.82 35.96
CA ILE F 203 35.11 22.55 37.16
C ILE F 203 34.63 23.98 37.04
N PHE F 204 34.00 24.48 38.10
CA PHE F 204 33.67 25.90 38.20
C PHE F 204 34.72 26.58 39.08
N VAL F 205 35.21 27.72 38.60
CA VAL F 205 36.38 28.39 39.16
C VAL F 205 36.02 29.81 39.58
N ASP F 206 36.59 30.24 40.71
CA ASP F 206 36.48 31.64 41.11
C ASP F 206 37.57 32.42 40.38
N GLN F 207 37.17 33.31 39.47
CA GLN F 207 38.12 34.11 38.71
C GLN F 207 37.49 35.45 38.33
BR BR G . 14.74 -28.81 -4.89
BR BR H . 3.63 -4.37 17.89
NA NA I . 3.53 -9.05 18.02
CL CL J . 12.02 -23.72 -0.83
CL CL K . 4.85 -57.05 2.47
CL CL L . -0.27 -1.69 26.21
BR BR M . -13.70 7.59 3.41
BR BR N . -3.95 -39.52 -25.61
NA NA O . -13.73 3.14 3.39
CL CL P . -2.03 -17.26 -19.52
BR BR Q . -16.23 -6.27 -33.97
BR BR R . -33.52 -23.09 -39.15
CL CL S . -20.44 -28.41 -40.31
O1 PG4 T . 5.85 51.31 9.12
C1 PG4 T . 5.00 51.41 8.02
C2 PG4 T . 5.87 51.00 6.83
O2 PG4 T . 5.25 50.02 6.06
C3 PG4 T . 4.05 50.37 5.44
C4 PG4 T . 4.23 51.57 4.50
O3 PG4 T . 3.02 51.85 3.86
C5 PG4 T . 1.98 52.21 4.75
C6 PG4 T . 1.08 53.26 4.10
O4 PG4 T . 1.40 54.51 4.61
C7 PG4 T . 0.80 54.78 5.85
C8 PG4 T . 1.69 55.70 6.68
O5 PG4 T . 1.74 56.97 6.09
HO1 PG4 T . 5.41 51.02 9.79
H11 PG4 T . 4.68 52.32 7.92
H12 PG4 T . 4.25 50.81 8.12
H21 PG4 T . 6.71 50.66 7.16
H22 PG4 T . 6.02 51.79 6.27
H31 PG4 T . 3.40 50.60 6.11
H32 PG4 T . 3.73 49.61 4.93
H41 PG4 T . 4.91 51.34 3.83
H42 PG4 T . 4.53 52.33 5.01
H51 PG4 T . 2.37 52.59 5.56
H52 PG4 T . 1.46 51.42 4.96
H61 PG4 T . 0.15 53.04 4.29
H62 PG4 T . 1.22 53.26 3.14
H71 PG4 T . 0.65 53.96 6.33
H72 PG4 T . -0.06 55.23 5.70
H81 PG4 T . 2.59 55.33 6.72
H82 PG4 T . 1.33 55.77 7.58
HO5 PG4 T . 0.97 57.32 6.12
BR BR U . -21.94 34.07 -1.63
CL CL V . -12.36 51.20 11.11
BR BR W . -5.82 22.34 13.65
BR BR X . 24.61 26.91 42.16
#